data_9VAK
#
_entry.id   9VAK
#
_cell.length_a   56.489
_cell.length_b   105.802
_cell.length_c   122.102
_cell.angle_alpha   90.000
_cell.angle_beta   90.000
_cell.angle_gamma   90.000
#
_symmetry.space_group_name_H-M   'P 2 21 21'
#
loop_
_entity.id
_entity.type
_entity.pdbx_description
1 polymer Lacto-N-biosidase
2 branched beta-D-galactopyranose-(1-3)-2-acetamido-2-deoxy-beta-D-glucopyranose
3 non-polymer 'CALCIUM ION'
4 water water
#
_entity_poly.entity_id   1
_entity_poly.type   'polypeptide(L)'
_entity_poly.pdbx_seq_one_letter_code
;MGSSHHHHHHSSGLVPRGSSLTKDVEASDYAASSQETTGEHAPVGNAFDKNANTFWHSKYSNPSANLPHWLAFKASPGEG
NKIAAITHLYRQDKLNGPAKNVAVYVVAASDANSVADVTNWGEPVATAEFPYTKELQTIALPNTIPSGDVYVKFQINDAW
GLTETSAGVTWAAVAELAATAKA
;
_entity_poly.pdbx_strand_id   B,A,C,D
#
loop_
_chem_comp.id
_chem_comp.type
_chem_comp.name
_chem_comp.formula
CA non-polymer 'CALCIUM ION' 'Ca 2'
GAL D-saccharide, beta linking beta-D-galactopyranose 'C6 H12 O6'
NAG D-saccharide, beta linking 2-acetamido-2-deoxy-beta-D-glucopyranose 'C8 H15 N O6'
#
# COMPACT_ATOMS: atom_id res chain seq x y z
N THR A 22 -8.97 -8.58 -26.45
CA THR A 22 -9.33 -8.68 -25.04
C THR A 22 -9.71 -7.33 -24.45
N LYS A 23 -10.65 -7.38 -23.50
CA LYS A 23 -11.19 -6.19 -22.84
C LYS A 23 -10.98 -6.30 -21.35
N ASP A 24 -10.68 -5.17 -20.71
CA ASP A 24 -10.50 -5.14 -19.26
C ASP A 24 -11.82 -5.44 -18.55
N VAL A 25 -11.74 -6.19 -17.46
CA VAL A 25 -12.90 -6.61 -16.68
C VAL A 25 -12.99 -5.79 -15.40
N GLU A 26 -14.21 -5.32 -15.08
CA GLU A 26 -14.42 -4.56 -13.84
C GLU A 26 -13.95 -5.35 -12.63
N ALA A 27 -13.14 -4.70 -11.79
CA ALA A 27 -12.63 -5.30 -10.57
C ALA A 27 -13.19 -4.56 -9.36
N SER A 28 -13.39 -5.30 -8.26
CA SER A 28 -13.93 -4.73 -7.03
C SER A 28 -13.48 -5.59 -5.85
N ASP A 29 -13.72 -5.07 -4.65
CA ASP A 29 -13.62 -5.85 -3.41
C ASP A 29 -12.18 -6.32 -3.19
N TYR A 30 -11.22 -5.38 -3.25
CA TYR A 30 -9.80 -5.71 -3.21
C TYR A 30 -9.37 -6.22 -1.83
N ALA A 31 -8.48 -7.22 -1.80
CA ALA A 31 -7.90 -7.69 -0.55
C ALA A 31 -6.43 -8.01 -0.76
N ALA A 32 -5.66 -8.03 0.34
CA ALA A 32 -4.25 -8.39 0.26
C ALA A 32 -3.80 -9.13 1.52
N SER A 33 -2.81 -10.01 1.35
CA SER A 33 -2.22 -10.73 2.49
C SER A 33 -1.59 -9.76 3.48
N SER A 34 -1.00 -8.68 2.99
CA SER A 34 -0.49 -7.59 3.82
C SER A 34 -0.30 -6.37 2.92
N GLN A 35 -0.03 -5.23 3.52
CA GLN A 35 0.29 -4.04 2.73
C GLN A 35 1.14 -3.09 3.56
N GLU A 36 2.03 -2.37 2.88
CA GLU A 36 2.92 -1.41 3.53
C GLU A 36 2.25 -0.04 3.56
N THR A 37 2.07 0.52 4.76
CA THR A 37 1.62 1.91 4.90
C THR A 37 2.51 2.70 5.85
N THR A 38 3.62 2.13 6.31
CA THR A 38 4.52 2.82 7.22
C THR A 38 5.76 3.36 6.52
N GLY A 39 6.55 2.50 5.89
CA GLY A 39 7.74 2.99 5.20
C GLY A 39 7.43 3.80 3.96
N GLU A 40 6.27 3.57 3.37
CA GLU A 40 5.77 4.34 2.24
C GLU A 40 4.29 4.06 2.15
N HIS A 41 3.63 4.78 1.23
CA HIS A 41 2.20 4.60 0.98
C HIS A 41 2.00 3.61 -0.16
N ALA A 42 1.72 2.34 0.18
CA ALA A 42 1.52 1.30 -0.84
C ALA A 42 0.35 0.38 -0.52
N PRO A 43 -0.85 0.94 -0.28
CA PRO A 43 -1.99 0.09 0.08
C PRO A 43 -2.50 -0.71 -1.12
N VAL A 44 -3.35 -1.70 -0.83
CA VAL A 44 -3.84 -2.64 -1.86
C VAL A 44 -4.54 -1.90 -3.01
N GLY A 45 -5.25 -0.80 -2.72
CA GLY A 45 -5.98 -0.11 -3.77
C GLY A 45 -5.10 0.32 -4.93
N ASN A 46 -3.82 0.58 -4.67
CA ASN A 46 -2.90 1.05 -5.70
C ASN A 46 -2.64 0.03 -6.82
N ALA A 47 -2.96 -1.25 -6.61
CA ALA A 47 -2.80 -2.21 -7.71
C ALA A 47 -3.99 -2.24 -8.67
N PHE A 48 -5.05 -1.47 -8.39
CA PHE A 48 -6.26 -1.50 -9.21
C PHE A 48 -6.68 -0.12 -9.71
N ASP A 49 -5.82 0.89 -9.62
CA ASP A 49 -6.25 2.27 -9.90
C ASP A 49 -5.94 2.70 -11.32
N LYS A 50 -5.44 1.80 -12.17
CA LYS A 50 -5.16 2.11 -13.58
C LYS A 50 -4.13 3.24 -13.69
N ASN A 51 -3.10 3.18 -12.85
CA ASN A 51 -2.06 4.20 -12.79
C ASN A 51 -0.74 3.48 -12.58
N ALA A 52 0.11 3.47 -13.61
CA ALA A 52 1.35 2.71 -13.55
C ALA A 52 2.36 3.30 -12.57
N ASN A 53 2.14 4.52 -12.08
CA ASN A 53 3.05 5.21 -11.16
C ASN A 53 2.76 4.90 -9.69
N THR A 54 1.73 4.11 -9.39
CA THR A 54 1.43 3.71 -8.03
C THR A 54 1.42 2.19 -7.94
N PHE A 55 1.78 1.66 -6.77
CA PHE A 55 1.80 0.20 -6.59
C PHE A 55 1.38 -0.17 -5.18
N TRP A 56 0.87 -1.39 -5.07
CA TRP A 56 0.75 -2.06 -3.79
C TRP A 56 2.09 -2.68 -3.42
N HIS A 57 2.39 -2.71 -2.12
CA HIS A 57 3.61 -3.35 -1.66
C HIS A 57 3.27 -4.21 -0.45
N SER A 58 3.77 -5.45 -0.42
CA SER A 58 3.65 -6.23 0.81
C SER A 58 4.31 -5.47 1.97
N LYS A 59 3.88 -5.78 3.19
CA LYS A 59 4.43 -5.13 4.38
C LYS A 59 5.84 -5.63 4.64
N TYR A 60 6.80 -4.70 4.62
CA TYR A 60 8.20 -5.00 4.91
C TYR A 60 8.73 -4.28 6.14
N SER A 61 8.05 -3.25 6.62
CA SER A 61 8.41 -2.69 7.92
C SER A 61 7.97 -3.66 9.02
N ASN A 62 8.71 -3.67 10.11
CA ASN A 62 8.54 -4.72 11.11
C ASN A 62 7.26 -4.51 11.92
N PRO A 63 6.56 -5.60 12.29
CA PRO A 63 6.84 -6.99 11.91
C PRO A 63 6.48 -7.24 10.46
N SER A 64 7.44 -7.69 9.66
CA SER A 64 7.24 -7.80 8.22
C SER A 64 6.50 -9.09 7.87
N ALA A 65 5.99 -9.14 6.64
CA ALA A 65 5.33 -10.31 6.09
C ALA A 65 6.32 -11.10 5.24
N ASN A 66 6.25 -12.43 5.33
CA ASN A 66 7.08 -13.32 4.53
C ASN A 66 6.26 -13.89 3.38
N LEU A 67 6.97 -14.57 2.47
CA LEU A 67 6.31 -15.21 1.34
C LEU A 67 5.45 -16.38 1.81
N PRO A 68 4.41 -16.76 1.05
CA PRO A 68 3.92 -16.11 -0.19
C PRO A 68 3.10 -14.87 0.12
N HIS A 69 3.04 -13.92 -0.81
CA HIS A 69 2.16 -12.76 -0.73
C HIS A 69 1.04 -12.90 -1.77
N TRP A 70 -0.11 -12.28 -1.51
CA TRP A 70 -1.17 -12.39 -2.52
C TRP A 70 -2.05 -11.14 -2.55
N LEU A 71 -2.74 -11.01 -3.69
CA LEU A 71 -3.76 -9.99 -3.91
C LEU A 71 -5.01 -10.72 -4.38
N ALA A 72 -6.19 -10.21 -4.00
CA ALA A 72 -7.41 -10.88 -4.37
C ALA A 72 -8.46 -9.82 -4.74
N PHE A 73 -9.38 -10.20 -5.63
CA PHE A 73 -10.42 -9.25 -6.03
C PHE A 73 -11.56 -10.02 -6.68
N LYS A 74 -12.70 -9.33 -6.81
CA LYS A 74 -13.84 -9.82 -7.57
C LYS A 74 -13.77 -9.29 -9.00
N ALA A 75 -13.84 -10.19 -9.98
CA ALA A 75 -13.88 -9.85 -11.40
C ALA A 75 -15.28 -10.07 -11.94
N SER A 76 -15.84 -9.09 -12.64
CA SER A 76 -17.23 -9.14 -13.09
C SER A 76 -17.26 -8.96 -14.59
N PRO A 77 -17.17 -10.04 -15.36
CA PRO A 77 -17.14 -9.91 -16.83
C PRO A 77 -18.52 -9.78 -17.47
N GLY A 78 -19.60 -9.81 -16.69
CA GLY A 78 -20.92 -9.82 -17.27
C GLY A 78 -21.44 -11.24 -17.46
N GLU A 79 -22.74 -11.44 -17.23
CA GLU A 79 -23.31 -12.77 -17.33
C GLU A 79 -23.09 -13.34 -18.73
N GLY A 80 -22.68 -14.60 -18.80
CA GLY A 80 -22.39 -15.26 -20.04
C GLY A 80 -20.92 -15.30 -20.42
N ASN A 81 -20.10 -14.43 -19.82
CA ASN A 81 -18.70 -14.34 -20.17
C ASN A 81 -17.83 -14.98 -19.08
N LYS A 82 -16.65 -15.43 -19.48
CA LYS A 82 -15.68 -15.98 -18.55
C LYS A 82 -14.35 -15.28 -18.79
N ILE A 83 -13.64 -14.97 -17.70
CA ILE A 83 -12.42 -14.19 -17.84
C ILE A 83 -11.38 -15.03 -18.57
N ALA A 84 -10.49 -14.36 -19.31
CA ALA A 84 -9.58 -15.03 -20.22
C ALA A 84 -8.14 -15.03 -19.75
N ALA A 85 -7.75 -14.07 -18.91
CA ALA A 85 -6.35 -13.89 -18.59
C ALA A 85 -6.23 -12.92 -17.42
N ILE A 86 -5.09 -12.99 -16.75
CA ILE A 86 -4.69 -12.03 -15.73
C ILE A 86 -3.46 -11.30 -16.24
N THR A 87 -3.43 -9.97 -16.06
CA THR A 87 -2.25 -9.19 -16.38
C THR A 87 -1.61 -8.63 -15.12
N HIS A 88 -0.28 -8.50 -15.16
CA HIS A 88 0.53 -8.07 -14.02
C HIS A 88 1.55 -7.05 -14.50
N LEU A 89 1.58 -5.89 -13.86
CA LEU A 89 2.55 -4.86 -14.19
C LEU A 89 3.33 -4.51 -12.92
N TYR A 90 4.64 -4.71 -12.97
CA TYR A 90 5.52 -4.44 -11.84
C TYR A 90 5.54 -2.95 -11.54
N ARG A 91 6.11 -2.60 -10.39
CA ARG A 91 6.44 -1.20 -10.15
C ARG A 91 7.35 -0.72 -11.28
N GLN A 92 7.26 0.57 -11.61
CA GLN A 92 7.91 1.05 -12.82
C GLN A 92 9.10 1.95 -12.53
N ASP A 93 9.39 2.24 -11.26
CA ASP A 93 10.48 3.17 -10.95
C ASP A 93 11.84 2.48 -10.90
N LYS A 94 11.91 1.28 -10.33
CA LYS A 94 13.17 0.56 -10.24
C LYS A 94 12.90 -0.92 -10.15
N LEU A 95 13.91 -1.71 -10.52
CA LEU A 95 13.88 -3.14 -10.22
C LEU A 95 14.31 -3.34 -8.77
N ASN A 96 13.49 -4.07 -8.01
CA ASN A 96 13.78 -4.31 -6.61
C ASN A 96 13.28 -5.70 -6.24
N GLY A 97 13.66 -6.70 -7.05
CA GLY A 97 13.29 -8.08 -6.83
C GLY A 97 11.87 -8.44 -7.27
N PRO A 98 11.58 -8.37 -8.58
CA PRO A 98 10.22 -8.66 -9.06
C PRO A 98 9.80 -10.11 -8.83
N ALA A 99 8.48 -10.31 -8.90
CA ALA A 99 7.90 -11.64 -8.73
C ALA A 99 8.49 -12.63 -9.74
N LYS A 100 8.72 -13.86 -9.27
CA LYS A 100 9.26 -14.92 -10.10
C LYS A 100 8.19 -15.99 -10.30
N ASN A 101 8.05 -16.95 -9.40
CA ASN A 101 7.02 -17.98 -9.52
C ASN A 101 5.72 -17.47 -8.93
N VAL A 102 4.62 -17.59 -9.69
CA VAL A 102 3.33 -17.04 -9.31
C VAL A 102 2.23 -18.03 -9.66
N ALA A 103 1.06 -17.83 -9.05
CA ALA A 103 -0.05 -18.76 -9.20
C ALA A 103 -1.37 -18.01 -9.18
N VAL A 104 -2.36 -18.50 -9.93
CA VAL A 104 -3.67 -17.87 -10.08
C VAL A 104 -4.74 -18.85 -9.62
N TYR A 105 -5.60 -18.40 -8.69
CA TYR A 105 -6.74 -19.16 -8.20
C TYR A 105 -8.01 -18.42 -8.60
N VAL A 106 -9.07 -19.18 -8.93
CA VAL A 106 -10.35 -18.60 -9.34
C VAL A 106 -11.48 -19.44 -8.74
N VAL A 107 -12.43 -18.78 -8.09
CA VAL A 107 -13.61 -19.47 -7.55
C VAL A 107 -14.86 -18.69 -7.95
N ALA A 108 -15.95 -19.43 -8.17
CA ALA A 108 -17.22 -18.80 -8.53
C ALA A 108 -17.65 -17.83 -7.44
N ALA A 109 -18.22 -16.69 -7.84
CA ALA A 109 -18.61 -15.70 -6.86
C ALA A 109 -19.76 -16.19 -6.00
N SER A 110 -20.54 -17.15 -6.48
CA SER A 110 -21.61 -17.75 -5.70
C SER A 110 -21.09 -18.58 -4.53
N ASP A 111 -19.78 -18.88 -4.48
CA ASP A 111 -19.21 -19.70 -3.41
C ASP A 111 -19.06 -18.96 -2.08
N ALA A 112 -19.11 -17.63 -2.08
CA ALA A 112 -18.95 -16.87 -0.84
C ALA A 112 -19.55 -15.47 -1.02
N ASN A 113 -19.79 -14.81 0.12
CA ASN A 113 -20.44 -13.50 0.11
C ASN A 113 -19.51 -12.37 -0.33
N SER A 114 -18.20 -12.56 -0.22
CA SER A 114 -17.26 -11.50 -0.53
C SER A 114 -15.89 -12.12 -0.64
N VAL A 115 -14.93 -11.32 -1.10
CA VAL A 115 -13.57 -11.83 -1.24
C VAL A 115 -13.02 -12.28 0.11
N ALA A 116 -13.26 -11.48 1.17
CA ALA A 116 -12.76 -11.80 2.49
C ALA A 116 -13.37 -13.08 3.05
N ASP A 117 -14.52 -13.51 2.54
CA ASP A 117 -15.14 -14.73 3.04
C ASP A 117 -14.64 -15.97 2.31
N VAL A 118 -13.90 -15.82 1.22
CA VAL A 118 -13.35 -16.98 0.51
C VAL A 118 -12.28 -17.61 1.39
N THR A 119 -12.55 -18.82 1.88
CA THR A 119 -11.61 -19.62 2.64
C THR A 119 -10.83 -20.61 1.77
N ASN A 120 -11.50 -21.28 0.85
CA ASN A 120 -10.92 -22.36 0.06
C ASN A 120 -10.75 -21.87 -1.38
N TRP A 121 -9.51 -21.72 -1.81
CA TRP A 121 -9.26 -21.23 -3.16
C TRP A 121 -9.07 -22.34 -4.18
N GLY A 122 -9.00 -23.60 -3.72
CA GLY A 122 -8.79 -24.72 -4.62
C GLY A 122 -7.37 -24.80 -5.17
N GLU A 123 -7.19 -25.72 -6.12
CA GLU A 123 -5.93 -25.83 -6.86
C GLU A 123 -5.73 -24.60 -7.72
N PRO A 124 -4.48 -24.18 -7.95
CA PRO A 124 -4.24 -23.10 -8.92
C PRO A 124 -4.79 -23.52 -10.27
N VAL A 125 -5.45 -22.57 -10.95
CA VAL A 125 -5.86 -22.81 -12.34
C VAL A 125 -4.74 -22.47 -13.31
N ALA A 126 -3.70 -21.76 -12.86
CA ALA A 126 -2.55 -21.40 -13.69
C ALA A 126 -1.36 -21.10 -12.80
N THR A 127 -0.17 -21.41 -13.30
CA THR A 127 1.10 -20.99 -12.70
C THR A 127 1.99 -20.39 -13.79
N ALA A 128 2.89 -19.50 -13.40
CA ALA A 128 3.85 -18.94 -14.34
C ALA A 128 5.15 -18.63 -13.62
N GLU A 129 6.25 -18.63 -14.38
CA GLU A 129 7.54 -18.11 -13.94
C GLU A 129 7.84 -16.86 -14.74
N PHE A 130 7.75 -15.70 -14.09
CA PHE A 130 8.00 -14.44 -14.77
C PHE A 130 9.49 -14.26 -15.03
N PRO A 131 9.87 -13.73 -16.20
CA PRO A 131 11.27 -13.34 -16.42
C PRO A 131 11.59 -12.09 -15.61
N TYR A 132 12.89 -11.81 -15.49
CA TYR A 132 13.38 -10.64 -14.74
C TYR A 132 13.09 -9.38 -15.56
N THR A 133 12.05 -8.64 -15.18
CA THR A 133 11.64 -7.51 -16.00
C THR A 133 10.64 -6.66 -15.21
N LYS A 134 10.36 -5.47 -15.74
CA LYS A 134 9.25 -4.66 -15.25
C LYS A 134 8.11 -4.57 -16.25
N GLU A 135 8.23 -5.23 -17.40
CA GLU A 135 7.21 -5.10 -18.42
C GLU A 135 6.00 -5.98 -18.10
N LEU A 136 4.86 -5.60 -18.71
CA LEU A 136 3.59 -6.26 -18.49
C LEU A 136 3.66 -7.76 -18.78
N GLN A 137 3.17 -8.57 -17.84
CA GLN A 137 3.06 -10.02 -18.01
C GLN A 137 1.58 -10.40 -18.17
N THR A 138 1.33 -11.33 -19.08
CA THR A 138 -0.02 -11.84 -19.31
C THR A 138 -0.05 -13.34 -19.02
N ILE A 139 -0.96 -13.78 -18.14
CA ILE A 139 -1.14 -15.19 -17.84
C ILE A 139 -2.48 -15.62 -18.43
N ALA A 140 -2.45 -16.54 -19.40
CA ALA A 140 -3.69 -17.07 -19.96
C ALA A 140 -4.35 -18.02 -18.97
N LEU A 141 -5.67 -17.95 -18.88
CA LEU A 141 -6.39 -18.85 -17.99
C LEU A 141 -7.08 -19.95 -18.80
N PRO A 142 -7.22 -21.15 -18.23
CA PRO A 142 -7.90 -22.22 -18.95
C PRO A 142 -9.37 -21.89 -19.17
N ASN A 143 -9.89 -22.37 -20.30
CA ASN A 143 -11.29 -22.19 -20.65
C ASN A 143 -12.24 -22.98 -19.77
N THR A 144 -11.71 -23.75 -18.80
CA THR A 144 -12.50 -24.62 -17.94
C THR A 144 -12.81 -24.00 -16.57
N ILE A 145 -12.41 -22.76 -16.32
CA ILE A 145 -12.67 -22.07 -15.05
C ILE A 145 -14.14 -21.67 -15.01
N PRO A 146 -14.68 -21.23 -13.88
CA PRO A 146 -16.09 -20.83 -13.85
C PRO A 146 -16.37 -19.64 -14.76
N SER A 147 -17.54 -19.66 -15.41
CA SER A 147 -18.03 -18.48 -16.10
C SER A 147 -18.73 -17.54 -15.11
N GLY A 148 -18.85 -16.29 -15.51
CA GLY A 148 -19.54 -15.32 -14.70
C GLY A 148 -18.61 -14.63 -13.72
N ASP A 149 -19.22 -13.97 -12.73
CA ASP A 149 -18.47 -13.27 -11.71
C ASP A 149 -17.65 -14.26 -10.89
N VAL A 150 -16.39 -13.93 -10.65
CA VAL A 150 -15.50 -14.85 -9.96
C VAL A 150 -14.67 -14.05 -8.97
N TYR A 151 -14.23 -14.72 -7.91
CA TYR A 151 -13.16 -14.21 -7.05
C TYR A 151 -11.83 -14.75 -7.57
N VAL A 152 -10.83 -13.88 -7.61
CA VAL A 152 -9.51 -14.18 -8.17
C VAL A 152 -8.46 -13.90 -7.10
N LYS A 153 -7.50 -14.80 -6.95
CA LYS A 153 -6.33 -14.54 -6.12
C LYS A 153 -5.06 -14.69 -6.94
N PHE A 154 -4.20 -13.65 -6.91
CA PHE A 154 -2.89 -13.66 -7.56
C PHE A 154 -1.82 -13.77 -6.47
N GLN A 155 -1.03 -14.86 -6.50
CA GLN A 155 -0.12 -15.19 -5.41
C GLN A 155 1.32 -15.23 -5.91
N ILE A 156 2.20 -14.52 -5.20
CA ILE A 156 3.63 -14.53 -5.50
C ILE A 156 4.29 -15.51 -4.54
N ASN A 157 4.81 -16.63 -5.07
CA ASN A 157 5.43 -17.63 -4.21
C ASN A 157 6.93 -17.38 -3.99
N ASP A 158 7.66 -16.90 -4.99
CA ASP A 158 9.03 -16.45 -4.73
C ASP A 158 9.38 -15.34 -5.73
N ALA A 159 10.58 -14.80 -5.60
CA ALA A 159 10.92 -13.56 -6.28
C ALA A 159 12.35 -13.59 -6.80
N TRP A 160 12.60 -12.72 -7.77
CA TRP A 160 13.95 -12.42 -8.22
C TRP A 160 14.72 -11.68 -7.13
N GLY A 161 16.04 -11.61 -7.30
CA GLY A 161 16.92 -10.98 -6.34
C GLY A 161 17.11 -9.50 -6.61
N LEU A 162 18.02 -8.89 -5.82
CA LEU A 162 18.32 -7.48 -6.04
C LEU A 162 19.07 -7.27 -7.36
N THR A 163 19.69 -8.32 -7.89
CA THR A 163 19.95 -8.41 -9.32
C THR A 163 19.49 -9.78 -9.79
N GLU A 164 19.51 -9.96 -11.12
CA GLU A 164 18.94 -11.14 -11.75
C GLU A 164 19.57 -12.45 -11.24
N THR A 165 20.84 -12.43 -10.82
CA THR A 165 21.49 -13.65 -10.35
C THR A 165 21.69 -13.68 -8.84
N SER A 166 21.14 -12.70 -8.12
CA SER A 166 21.23 -12.66 -6.66
C SER A 166 20.11 -13.50 -6.04
N ALA A 167 20.30 -13.82 -4.76
CA ALA A 167 19.29 -14.52 -3.96
C ALA A 167 17.95 -13.79 -3.95
N GLY A 168 16.86 -14.53 -4.11
CA GLY A 168 15.54 -13.92 -4.24
C GLY A 168 15.16 -13.13 -2.98
N VAL A 169 14.45 -12.01 -3.19
CA VAL A 169 14.03 -11.18 -2.06
C VAL A 169 12.76 -11.79 -1.45
N THR A 170 12.32 -11.26 -0.30
CA THR A 170 11.19 -11.84 0.43
C THR A 170 9.92 -10.98 0.40
N TRP A 171 9.91 -9.85 -0.30
CA TRP A 171 8.75 -8.96 -0.37
C TRP A 171 8.16 -9.00 -1.78
N ALA A 172 7.17 -8.14 -2.04
CA ALA A 172 6.59 -8.09 -3.38
C ALA A 172 5.88 -6.75 -3.60
N ALA A 173 5.76 -6.38 -4.88
CA ALA A 173 5.14 -5.12 -5.28
C ALA A 173 4.48 -5.30 -6.64
N VAL A 174 3.27 -4.75 -6.78
CA VAL A 174 2.53 -4.81 -8.04
C VAL A 174 1.94 -3.43 -8.32
N ALA A 175 2.25 -2.87 -9.50
CA ALA A 175 1.68 -1.58 -9.88
C ALA A 175 0.26 -1.72 -10.42
N GLU A 176 -0.01 -2.72 -11.26
CA GLU A 176 -1.36 -2.97 -11.76
C GLU A 176 -1.62 -4.47 -11.89
N LEU A 177 -2.80 -4.89 -11.43
CA LEU A 177 -3.32 -6.24 -11.58
C LEU A 177 -4.73 -6.16 -12.18
N ALA A 178 -5.02 -7.03 -13.15
CA ALA A 178 -6.36 -7.00 -13.73
C ALA A 178 -6.67 -8.34 -14.38
N ALA A 179 -7.96 -8.55 -14.62
CA ALA A 179 -8.47 -9.62 -15.46
C ALA A 179 -8.94 -9.05 -16.79
N THR A 180 -8.79 -9.84 -17.85
CA THR A 180 -9.35 -9.49 -19.14
C THR A 180 -10.32 -10.58 -19.60
N ALA A 181 -11.14 -10.23 -20.57
CA ALA A 181 -12.11 -11.17 -21.11
C ALA A 181 -12.11 -11.07 -22.62
N LYS A 182 -12.58 -12.14 -23.26
CA LYS A 182 -12.69 -12.18 -24.71
C LYS A 182 -13.68 -11.14 -25.20
N ALA A 183 -13.20 -10.12 -25.90
CA ALA A 183 -14.06 -9.10 -26.48
C ALA A 183 -14.61 -9.58 -27.83
N THR B 22 -3.45 29.99 4.79
CA THR B 22 -3.25 30.66 3.52
C THR B 22 -3.95 29.93 2.37
N LYS B 23 -4.73 30.68 1.58
CA LYS B 23 -5.48 30.10 0.48
C LYS B 23 -4.58 29.88 -0.73
N ASP B 24 -4.73 28.71 -1.36
CA ASP B 24 -4.00 28.43 -2.58
C ASP B 24 -4.56 29.25 -3.76
N VAL B 25 -3.67 29.56 -4.69
CA VAL B 25 -3.96 30.41 -5.84
C VAL B 25 -4.03 29.55 -7.09
N GLU B 26 -4.90 29.92 -8.03
CA GLU B 26 -5.01 29.16 -9.28
C GLU B 26 -3.84 29.46 -10.21
N ALA B 27 -3.18 28.41 -10.69
CA ALA B 27 -2.07 28.53 -11.62
C ALA B 27 -2.48 28.07 -13.01
N SER B 28 -1.91 28.73 -14.03
CA SER B 28 -2.16 28.39 -15.42
C SER B 28 -0.96 28.83 -16.25
N ASP B 29 -0.97 28.44 -17.54
CA ASP B 29 -0.01 28.97 -18.50
C ASP B 29 1.41 28.59 -18.11
N TYR B 30 1.61 27.30 -17.84
CA TYR B 30 2.88 26.80 -17.30
C TYR B 30 3.99 26.86 -18.34
N ALA B 31 5.23 27.01 -17.88
CA ALA B 31 6.37 26.98 -18.78
C ALA B 31 7.62 26.55 -18.03
N ALA B 32 8.58 25.98 -18.76
CA ALA B 32 9.82 25.54 -18.13
C ALA B 32 11.00 25.75 -19.05
N SER B 33 12.16 26.02 -18.44
CA SER B 33 13.41 26.14 -19.17
C SER B 33 13.69 24.91 -20.02
N SER B 34 13.40 23.72 -19.48
CA SER B 34 13.48 22.45 -20.21
C SER B 34 12.68 21.41 -19.46
N GLN B 35 12.57 20.21 -20.03
CA GLN B 35 11.81 19.14 -19.37
C GLN B 35 12.24 17.79 -19.93
N GLU B 36 12.32 16.80 -19.04
CA GLU B 36 12.68 15.44 -19.43
C GLU B 36 11.43 14.66 -19.81
N THR B 37 11.41 14.09 -21.02
CA THR B 37 10.35 13.20 -21.47
C THR B 37 10.91 11.96 -22.16
N THR B 38 12.23 11.78 -22.15
CA THR B 38 12.87 10.62 -22.78
C THR B 38 13.33 9.60 -21.75
N GLY B 39 14.16 10.01 -20.78
CA GLY B 39 14.57 9.09 -19.73
C GLY B 39 13.46 8.71 -18.77
N GLU B 40 12.45 9.57 -18.65
CA GLU B 40 11.27 9.31 -17.83
C GLU B 40 10.21 10.32 -18.25
N HIS B 41 9.03 10.22 -17.67
CA HIS B 41 7.93 11.15 -17.96
C HIS B 41 7.92 12.19 -16.84
N ALA B 42 8.45 13.38 -17.11
CA ALA B 42 8.48 14.45 -16.11
C ALA B 42 8.26 15.82 -16.76
N PRO B 43 7.13 16.01 -17.47
CA PRO B 43 6.85 17.31 -18.10
C PRO B 43 6.46 18.36 -17.06
N VAL B 44 6.46 19.61 -17.54
CA VAL B 44 6.21 20.78 -16.69
C VAL B 44 4.89 20.66 -15.97
N GLY B 45 3.89 20.02 -16.60
CA GLY B 45 2.57 19.95 -15.98
C GLY B 45 2.56 19.24 -14.64
N ASN B 46 3.52 18.32 -14.43
CA ASN B 46 3.57 17.53 -13.19
C ASN B 46 3.93 18.36 -11.96
N ALA B 47 4.42 19.58 -12.14
CA ALA B 47 4.66 20.45 -10.99
C ALA B 47 3.41 21.21 -10.57
N PHE B 48 2.30 21.09 -11.30
CA PHE B 48 1.14 21.89 -10.96
C PHE B 48 -0.13 21.06 -10.77
N ASP B 49 -0.02 19.73 -10.62
CA ASP B 49 -1.19 18.86 -10.65
C ASP B 49 -1.71 18.51 -9.27
N LYS B 50 -1.14 19.09 -8.20
CA LYS B 50 -1.58 18.83 -6.83
C LYS B 50 -1.45 17.35 -6.52
N ASN B 51 -0.32 16.78 -6.91
CA ASN B 51 -0.04 15.37 -6.73
C ASN B 51 1.44 15.29 -6.33
N ALA B 52 1.69 14.94 -5.07
CA ALA B 52 3.07 14.87 -4.58
C ALA B 52 3.85 13.74 -5.24
N ASN B 53 3.17 12.78 -5.85
CA ASN B 53 3.83 11.62 -6.43
C ASN B 53 4.31 11.87 -7.87
N THR B 54 4.05 13.06 -8.42
CA THR B 54 4.51 13.41 -9.76
C THR B 54 5.40 14.66 -9.71
N PHE B 55 6.42 14.71 -10.57
CA PHE B 55 7.29 15.88 -10.60
C PHE B 55 7.64 16.27 -12.05
N TRP B 56 7.85 17.57 -12.25
CA TRP B 56 8.66 18.06 -13.37
C TRP B 56 10.13 17.80 -13.11
N HIS B 57 10.88 17.53 -14.18
CA HIS B 57 12.33 17.33 -14.12
C HIS B 57 12.99 18.05 -15.29
N SER B 58 14.10 18.73 -15.03
CA SER B 58 14.87 19.32 -16.11
C SER B 58 15.39 18.21 -17.03
N LYS B 59 15.65 18.56 -18.29
CA LYS B 59 16.14 17.58 -19.26
C LYS B 59 17.59 17.19 -18.94
N TYR B 60 17.82 15.92 -18.63
CA TYR B 60 19.19 15.41 -18.48
C TYR B 60 19.60 14.51 -19.63
N SER B 61 18.66 14.06 -20.47
CA SER B 61 19.02 13.26 -21.63
C SER B 61 19.59 14.16 -22.73
N ASN B 62 20.37 13.54 -23.62
CA ASN B 62 21.11 14.30 -24.63
C ASN B 62 20.15 15.07 -25.52
N PRO B 63 20.41 16.36 -25.77
CA PRO B 63 21.43 17.19 -25.13
C PRO B 63 20.94 17.70 -23.78
N SER B 64 21.67 17.48 -22.69
CA SER B 64 21.18 17.92 -21.39
C SER B 64 21.13 19.43 -21.30
N ALA B 65 20.25 19.94 -20.45
CA ALA B 65 20.17 21.36 -20.13
C ALA B 65 21.13 21.69 -18.99
N ASN B 66 21.54 22.95 -18.94
CA ASN B 66 22.45 23.43 -17.91
C ASN B 66 21.74 24.39 -16.96
N LEU B 67 22.28 24.49 -15.74
CA LEU B 67 21.83 25.48 -14.79
C LEU B 67 22.00 26.90 -15.38
N PRO B 68 21.14 27.84 -15.01
CA PRO B 68 19.99 27.70 -14.13
C PRO B 68 18.81 27.02 -14.83
N HIS B 69 17.95 26.34 -14.06
CA HIS B 69 16.67 25.85 -14.56
C HIS B 69 15.57 26.73 -13.98
N TRP B 70 14.41 26.75 -14.63
CA TRP B 70 13.34 27.57 -14.05
C TRP B 70 11.97 27.05 -14.46
N LEU B 71 10.98 27.39 -13.63
CA LEU B 71 9.59 27.11 -13.90
C LEU B 71 8.84 28.44 -13.86
N ALA B 72 7.89 28.65 -14.78
CA ALA B 72 7.11 29.88 -14.76
C ALA B 72 5.63 29.57 -14.88
N PHE B 73 4.79 30.43 -14.30
CA PHE B 73 3.35 30.27 -14.44
C PHE B 73 2.65 31.61 -14.19
N LYS B 74 1.35 31.64 -14.51
CA LYS B 74 0.48 32.76 -14.14
C LYS B 74 -0.26 32.44 -12.84
N ALA B 75 -0.19 33.36 -11.88
CA ALA B 75 -0.87 33.20 -10.59
C ALA B 75 -2.06 34.15 -10.54
N SER B 76 -3.26 33.61 -10.29
CA SER B 76 -4.48 34.41 -10.25
C SER B 76 -5.11 34.34 -8.87
N PRO B 77 -4.86 35.30 -7.99
CA PRO B 77 -5.31 35.20 -6.59
C PRO B 77 -6.72 35.71 -6.30
N GLY B 78 -7.36 36.41 -7.22
CA GLY B 78 -8.62 37.06 -6.92
C GLY B 78 -8.42 38.56 -6.88
N GLU B 79 -9.37 39.31 -7.43
CA GLU B 79 -9.25 40.76 -7.43
C GLU B 79 -9.33 41.27 -6.00
N GLY B 80 -8.42 42.19 -5.65
CA GLY B 80 -8.26 42.64 -4.30
C GLY B 80 -7.23 41.87 -3.49
N ASN B 81 -6.91 40.64 -3.90
CA ASN B 81 -5.92 39.83 -3.21
C ASN B 81 -4.56 39.93 -3.90
N LYS B 82 -3.52 39.56 -3.15
CA LYS B 82 -2.14 39.61 -3.62
C LYS B 82 -1.43 38.37 -3.12
N ILE B 83 -0.54 37.81 -3.94
CA ILE B 83 0.15 36.60 -3.54
C ILE B 83 1.14 36.91 -2.42
N ALA B 84 1.30 35.96 -1.50
CA ALA B 84 2.07 36.20 -0.30
C ALA B 84 3.31 35.32 -0.18
N ALA B 85 3.36 34.19 -0.88
CA ALA B 85 4.47 33.25 -0.73
C ALA B 85 4.43 32.24 -1.87
N ILE B 86 5.60 31.75 -2.24
CA ILE B 86 5.75 30.62 -3.16
C ILE B 86 6.13 29.39 -2.34
N THR B 87 5.45 28.26 -2.58
CA THR B 87 5.80 26.99 -1.97
C THR B 87 6.40 26.04 -3.00
N HIS B 88 7.35 25.25 -2.54
CA HIS B 88 8.10 24.32 -3.37
C HIS B 88 8.13 22.98 -2.64
N LEU B 89 7.68 21.93 -3.32
CA LEU B 89 7.73 20.59 -2.78
C LEU B 89 8.61 19.74 -3.70
N TYR B 90 9.71 19.22 -3.17
CA TYR B 90 10.65 18.40 -3.90
C TYR B 90 10.00 17.08 -4.28
N ARG B 91 10.60 16.37 -5.23
CA ARG B 91 10.19 14.99 -5.47
C ARG B 91 10.21 14.25 -4.13
N GLN B 92 9.31 13.29 -3.96
CA GLN B 92 9.12 12.66 -2.65
C GLN B 92 9.64 11.23 -2.58
N ASP B 93 10.15 10.69 -3.70
CA ASP B 93 10.55 9.30 -3.72
C ASP B 93 11.98 9.10 -3.21
N LYS B 94 12.88 10.05 -3.43
CA LYS B 94 14.27 9.92 -2.99
C LYS B 94 14.93 11.28 -3.01
N LEU B 95 16.01 11.40 -2.23
CA LEU B 95 16.83 12.60 -2.26
C LEU B 95 17.82 12.47 -3.41
N ASN B 96 17.72 13.36 -4.40
CA ASN B 96 18.52 13.19 -5.60
C ASN B 96 19.08 14.54 -6.02
N GLY B 97 19.64 15.28 -5.05
CA GLY B 97 20.22 16.58 -5.28
C GLY B 97 19.18 17.71 -5.38
N PRO B 98 18.45 17.97 -4.31
CA PRO B 98 17.42 19.02 -4.36
C PRO B 98 18.02 20.41 -4.55
N ALA B 99 17.15 21.33 -4.98
CA ALA B 99 17.54 22.73 -5.17
C ALA B 99 18.10 23.32 -3.88
N LYS B 100 19.10 24.22 -4.06
CA LYS B 100 19.72 24.91 -2.95
C LYS B 100 19.44 26.42 -3.06
N ASN B 101 20.20 27.15 -3.87
CA ASN B 101 19.98 28.59 -4.05
C ASN B 101 18.95 28.80 -5.15
N VAL B 102 17.87 29.51 -4.80
CA VAL B 102 16.78 29.76 -5.73
C VAL B 102 16.40 31.25 -5.71
N ALA B 103 15.71 31.68 -6.78
CA ALA B 103 15.22 33.05 -6.86
C ALA B 103 13.78 33.04 -7.37
N VAL B 104 12.99 34.03 -6.93
CA VAL B 104 11.61 34.22 -7.36
C VAL B 104 11.51 35.59 -8.03
N TYR B 105 10.98 35.63 -9.23
CA TYR B 105 10.68 36.85 -9.94
C TYR B 105 9.17 36.96 -10.12
N VAL B 106 8.63 38.18 -9.94
CA VAL B 106 7.21 38.46 -10.09
C VAL B 106 7.04 39.71 -10.97
N VAL B 107 6.14 39.64 -11.96
CA VAL B 107 5.74 40.83 -12.72
C VAL B 107 4.23 40.80 -12.93
N ALA B 108 3.62 41.98 -12.98
CA ALA B 108 2.18 42.09 -13.19
C ALA B 108 1.75 41.37 -14.46
N ALA B 109 0.59 40.73 -14.41
CA ALA B 109 0.07 40.04 -15.59
C ALA B 109 -0.22 41.03 -16.72
N SER B 110 -0.52 42.28 -16.37
CA SER B 110 -0.76 43.29 -17.40
C SER B 110 0.47 43.56 -18.25
N ASP B 111 1.64 43.01 -17.91
CA ASP B 111 2.86 43.33 -18.63
C ASP B 111 3.05 42.55 -19.92
N ALA B 112 2.28 41.48 -20.15
CA ALA B 112 2.43 40.69 -21.36
C ALA B 112 1.17 39.87 -21.58
N ASN B 113 1.04 39.35 -22.80
CA ASN B 113 -0.14 38.55 -23.17
C ASN B 113 -0.14 37.19 -22.47
N SER B 114 1.04 36.67 -22.16
CA SER B 114 1.18 35.32 -21.64
C SER B 114 2.56 35.20 -21.02
N VAL B 115 2.79 34.06 -20.35
CA VAL B 115 4.08 33.83 -19.71
C VAL B 115 5.20 33.84 -20.74
N ALA B 116 4.99 33.14 -21.88
CA ALA B 116 6.00 33.09 -22.91
C ALA B 116 6.35 34.47 -23.45
N ASP B 117 5.43 35.43 -23.32
CA ASP B 117 5.64 36.77 -23.82
C ASP B 117 6.44 37.67 -22.87
N VAL B 118 6.68 37.24 -21.64
CA VAL B 118 7.45 38.06 -20.70
C VAL B 118 8.89 38.16 -21.16
N THR B 119 9.37 39.39 -21.38
CA THR B 119 10.75 39.61 -21.79
C THR B 119 11.64 40.20 -20.72
N ASN B 120 11.09 40.77 -19.65
CA ASN B 120 11.91 41.31 -18.58
C ASN B 120 11.34 40.88 -17.24
N TRP B 121 12.00 39.94 -16.59
CA TRP B 121 11.54 39.45 -15.30
C TRP B 121 12.00 40.33 -14.15
N GLY B 122 12.88 41.30 -14.42
CA GLY B 122 13.33 42.20 -13.39
C GLY B 122 14.30 41.53 -12.44
N GLU B 123 14.55 42.23 -11.34
CA GLU B 123 15.40 41.68 -10.30
C GLU B 123 14.59 40.75 -9.40
N PRO B 124 15.23 39.78 -8.74
CA PRO B 124 14.46 38.84 -7.90
C PRO B 124 13.69 39.59 -6.83
N VAL B 125 12.43 39.20 -6.62
CA VAL B 125 11.72 39.75 -5.47
C VAL B 125 12.05 39.00 -4.19
N ALA B 126 12.71 37.84 -4.29
CA ALA B 126 13.01 37.00 -3.14
C ALA B 126 14.04 35.96 -3.55
N THR B 127 14.91 35.58 -2.62
CA THR B 127 15.84 34.48 -2.82
C THR B 127 15.81 33.60 -1.58
N ALA B 128 16.35 32.40 -1.73
CA ALA B 128 16.30 31.43 -0.65
C ALA B 128 17.47 30.46 -0.83
N GLU B 129 17.91 29.87 0.28
CA GLU B 129 18.86 28.76 0.26
C GLU B 129 18.16 27.60 0.96
N PHE B 130 17.63 26.66 0.20
CA PHE B 130 16.88 25.54 0.78
C PHE B 130 17.82 24.64 1.58
N PRO B 131 17.34 24.06 2.68
CA PRO B 131 18.11 23.01 3.35
C PRO B 131 18.13 21.73 2.50
N TYR B 132 18.97 20.78 2.94
CA TYR B 132 19.06 19.44 2.34
C TYR B 132 17.89 18.62 2.86
N THR B 133 16.79 18.61 2.11
CA THR B 133 15.56 18.01 2.60
C THR B 133 14.59 17.81 1.44
N LYS B 134 13.58 16.97 1.67
CA LYS B 134 12.48 16.80 0.74
C LYS B 134 11.22 17.53 1.20
N GLU B 135 11.24 18.16 2.38
CA GLU B 135 10.04 18.74 2.94
C GLU B 135 9.69 20.06 2.25
N LEU B 136 8.39 20.40 2.31
CA LEU B 136 7.86 21.62 1.71
C LEU B 136 8.63 22.84 2.18
N GLN B 137 8.99 23.70 1.24
CA GLN B 137 9.68 24.95 1.51
C GLN B 137 8.75 26.10 1.16
N THR B 138 8.79 27.17 1.95
CA THR B 138 7.95 28.34 1.72
C THR B 138 8.83 29.58 1.64
N ILE B 139 8.62 30.37 0.59
CA ILE B 139 9.40 31.59 0.36
C ILE B 139 8.43 32.76 0.48
N ALA B 140 8.52 33.50 1.60
CA ALA B 140 7.68 34.67 1.78
C ALA B 140 8.05 35.76 0.78
N LEU B 141 7.04 36.49 0.30
CA LEU B 141 7.25 37.55 -0.66
C LEU B 141 7.03 38.93 -0.01
N PRO B 142 7.76 39.96 -0.45
CA PRO B 142 7.50 41.30 0.09
C PRO B 142 6.10 41.77 -0.23
N ASN B 143 5.59 42.67 0.60
CA ASN B 143 4.26 43.20 0.33
C ASN B 143 4.23 44.23 -0.78
N THR B 144 5.38 44.55 -1.36
CA THR B 144 5.50 45.55 -2.39
C THR B 144 5.49 44.96 -3.80
N ILE B 145 4.93 43.76 -3.96
CA ILE B 145 4.74 43.18 -5.28
C ILE B 145 3.36 43.58 -5.78
N PRO B 146 3.11 43.54 -7.09
CA PRO B 146 1.78 43.93 -7.59
C PRO B 146 0.67 43.06 -7.03
N SER B 147 -0.50 43.66 -6.86
CA SER B 147 -1.68 42.90 -6.46
C SER B 147 -2.34 42.28 -7.68
N GLY B 148 -3.23 41.32 -7.43
CA GLY B 148 -3.98 40.72 -8.53
C GLY B 148 -3.15 39.70 -9.30
N ASP B 149 -3.53 39.48 -10.55
CA ASP B 149 -2.88 38.46 -11.37
C ASP B 149 -1.44 38.84 -11.67
N VAL B 150 -0.53 37.85 -11.55
CA VAL B 150 0.88 38.06 -11.80
C VAL B 150 1.46 36.84 -12.50
N TYR B 151 2.56 37.05 -13.23
CA TYR B 151 3.40 35.97 -13.70
C TYR B 151 4.55 35.75 -12.72
N VAL B 152 4.87 34.48 -12.46
CA VAL B 152 5.86 34.09 -11.47
C VAL B 152 6.92 33.24 -12.16
N LYS B 153 8.19 33.51 -11.86
CA LYS B 153 9.30 32.70 -12.35
C LYS B 153 10.09 32.19 -11.15
N PHE B 154 10.24 30.87 -11.05
CA PHE B 154 10.96 30.21 -9.96
C PHE B 154 12.22 29.62 -10.57
N GLN B 155 13.39 30.16 -10.20
CA GLN B 155 14.66 29.79 -10.84
C GLN B 155 15.55 29.05 -9.86
N ILE B 156 16.11 27.92 -10.30
CA ILE B 156 17.06 27.17 -9.49
C ILE B 156 18.46 27.52 -9.96
N ASN B 157 19.25 28.13 -9.09
CA ASN B 157 20.57 28.61 -9.48
C ASN B 157 21.67 27.59 -9.20
N ASP B 158 21.53 26.78 -8.17
CA ASP B 158 22.43 25.65 -7.95
C ASP B 158 21.77 24.69 -6.98
N ALA B 159 22.44 23.58 -6.70
CA ALA B 159 21.75 22.42 -6.16
C ALA B 159 22.60 21.77 -5.07
N TRP B 160 21.93 21.01 -4.20
CA TRP B 160 22.68 20.06 -3.38
C TRP B 160 23.18 18.91 -4.27
N GLY B 161 24.14 18.14 -3.74
CA GLY B 161 24.62 16.95 -4.39
C GLY B 161 23.84 15.72 -3.96
N LEU B 162 24.30 14.56 -4.42
CA LEU B 162 23.69 13.31 -3.99
C LEU B 162 24.03 12.97 -2.53
N THR B 163 25.00 13.64 -1.92
CA THR B 163 25.11 13.66 -0.46
C THR B 163 25.15 15.11 -0.01
N GLU B 164 24.93 15.32 1.29
CA GLU B 164 24.90 16.68 1.82
C GLU B 164 26.24 17.40 1.67
N THR B 165 27.33 16.67 1.42
CA THR B 165 28.62 17.33 1.25
C THR B 165 29.21 17.22 -0.15
N SER B 166 28.59 16.46 -1.05
CA SER B 166 29.18 16.38 -2.38
C SER B 166 28.86 17.63 -3.20
N ALA B 167 29.47 17.73 -4.38
CA ALA B 167 29.23 18.87 -5.26
C ALA B 167 27.78 18.86 -5.75
N GLY B 168 27.27 20.05 -6.08
CA GLY B 168 25.88 20.13 -6.53
C GLY B 168 25.66 19.41 -7.85
N VAL B 169 24.46 18.85 -8.01
CA VAL B 169 24.12 18.21 -9.28
C VAL B 169 23.80 19.30 -10.30
N THR B 170 23.63 18.92 -11.56
CA THR B 170 23.37 19.88 -12.62
C THR B 170 21.93 19.89 -13.08
N TRP B 171 21.07 19.05 -12.52
CA TRP B 171 19.66 18.96 -12.88
C TRP B 171 18.78 19.52 -11.75
N ALA B 172 17.46 19.44 -11.94
CA ALA B 172 16.51 19.88 -10.92
C ALA B 172 15.21 19.11 -11.08
N ALA B 173 14.47 18.97 -9.96
CA ALA B 173 13.16 18.33 -9.99
C ALA B 173 12.25 19.01 -8.98
N VAL B 174 10.96 19.17 -9.34
CA VAL B 174 9.96 19.82 -8.48
C VAL B 174 8.64 19.06 -8.56
N ALA B 175 8.16 18.57 -7.42
CA ALA B 175 6.89 17.86 -7.36
C ALA B 175 5.70 18.81 -7.38
N GLU B 176 5.75 19.86 -6.56
CA GLU B 176 4.69 20.88 -6.52
C GLU B 176 5.29 22.27 -6.37
N LEU B 177 4.91 23.17 -7.26
CA LEU B 177 5.18 24.60 -7.18
C LEU B 177 3.86 25.34 -7.11
N ALA B 178 3.76 26.33 -6.22
CA ALA B 178 2.45 26.94 -5.97
C ALA B 178 2.63 28.31 -5.33
N ALA B 179 1.57 29.14 -5.44
CA ALA B 179 1.49 30.42 -4.76
C ALA B 179 0.35 30.40 -3.75
N THR B 180 0.54 31.05 -2.60
CA THR B 180 -0.58 31.28 -1.69
C THR B 180 -0.82 32.77 -1.57
N ALA B 181 -2.01 33.11 -1.07
CA ALA B 181 -2.40 34.50 -0.91
C ALA B 181 -3.05 34.65 0.45
N LYS B 182 -3.07 35.89 0.93
CA LYS B 182 -3.59 36.17 2.27
C LYS B 182 -5.08 35.83 2.34
N ALA B 183 -5.40 34.74 3.05
CA ALA B 183 -6.78 34.27 3.19
C ALA B 183 -7.51 35.04 4.29
N THR C 22 3.12 24.45 10.52
CA THR C 22 2.61 23.17 10.98
C THR C 22 3.12 22.02 10.11
N LYS C 23 3.69 21.00 10.76
CA LYS C 23 4.27 19.86 10.07
C LYS C 23 3.22 18.78 9.83
N ASP C 24 3.11 18.34 8.58
CA ASP C 24 2.29 17.18 8.25
C ASP C 24 2.89 15.92 8.85
N VAL C 25 2.04 15.04 9.37
CA VAL C 25 2.44 13.92 10.21
C VAL C 25 2.30 12.61 9.44
N GLU C 26 3.22 11.67 9.70
CA GLU C 26 3.19 10.34 9.10
C GLU C 26 1.90 9.60 9.46
N ALA C 27 1.23 9.06 8.44
CA ALA C 27 0.00 8.30 8.64
C ALA C 27 0.20 6.88 8.16
N SER C 28 -0.48 5.94 8.83
CA SER C 28 -0.39 4.52 8.50
C SER C 28 -1.65 3.82 9.01
N ASP C 29 -1.79 2.54 8.63
CA ASP C 29 -2.79 1.64 9.20
C ASP C 29 -4.23 2.14 8.91
N TYR C 30 -4.48 2.52 7.66
CA TYR C 30 -5.75 3.12 7.27
C TYR C 30 -6.91 2.14 7.44
N ALA C 31 -8.10 2.70 7.72
CA ALA C 31 -9.32 1.90 7.79
C ALA C 31 -10.51 2.79 7.45
N ALA C 32 -11.62 2.17 7.06
CA ALA C 32 -12.84 2.93 6.74
C ALA C 32 -14.09 2.13 7.07
N SER C 33 -15.17 2.85 7.41
CA SER C 33 -16.47 2.22 7.64
C SER C 33 -16.94 1.42 6.43
N SER C 34 -16.69 1.95 5.22
CA SER C 34 -16.99 1.30 3.95
C SER C 34 -16.19 2.02 2.88
N GLN C 35 -16.15 1.45 1.68
CA GLN C 35 -15.49 2.12 0.55
C GLN C 35 -16.08 1.63 -0.75
N GLU C 36 -16.17 2.53 -1.74
CA GLU C 36 -16.73 2.19 -3.04
C GLU C 36 -15.64 1.61 -3.95
N THR C 37 -15.89 0.41 -4.49
CA THR C 37 -14.97 -0.15 -5.48
C THR C 37 -15.68 -0.77 -6.67
N THR C 38 -17.01 -0.62 -6.76
CA THR C 38 -17.77 -1.16 -7.86
C THR C 38 -18.18 -0.07 -8.85
N GLY C 39 -18.89 0.95 -8.37
CA GLY C 39 -19.30 2.04 -9.23
C GLY C 39 -18.14 2.89 -9.70
N GLU C 40 -17.05 2.88 -8.95
CA GLU C 40 -15.84 3.62 -9.30
C GLU C 40 -14.77 3.14 -8.34
N HIS C 41 -13.53 3.55 -8.60
CA HIS C 41 -12.39 3.16 -7.76
C HIS C 41 -12.16 4.24 -6.72
N ALA C 42 -12.59 4.02 -5.48
CA ALA C 42 -12.40 5.02 -4.42
C ALA C 42 -12.12 4.34 -3.07
N PRO C 43 -11.03 3.57 -2.98
CA PRO C 43 -10.70 2.89 -1.72
C PRO C 43 -10.11 3.86 -0.71
N VAL C 44 -9.95 3.37 0.52
CA VAL C 44 -9.50 4.19 1.63
C VAL C 44 -8.11 4.77 1.41
N GLY C 45 -7.23 4.05 0.70
CA GLY C 45 -5.89 4.58 0.45
C GLY C 45 -5.90 5.93 -0.24
N ASN C 46 -6.91 6.19 -1.07
CA ASN C 46 -6.96 7.47 -1.80
C ASN C 46 -7.12 8.68 -0.89
N ALA C 47 -7.43 8.50 0.40
CA ALA C 47 -7.52 9.65 1.29
C ALA C 47 -6.18 10.06 1.87
N PHE C 48 -5.14 9.24 1.64
CA PHE C 48 -3.86 9.39 2.32
C PHE C 48 -2.68 9.44 1.35
N ASP C 49 -2.93 9.58 0.04
CA ASP C 49 -1.90 9.44 -0.98
C ASP C 49 -1.32 10.78 -1.45
N LYS C 50 -1.71 11.91 -0.84
CA LYS C 50 -1.16 13.23 -1.16
C LYS C 50 -1.43 13.61 -2.61
N ASN C 51 -2.62 13.26 -3.10
CA ASN C 51 -3.06 13.51 -4.47
C ASN C 51 -4.47 14.06 -4.37
N ALA C 52 -4.63 15.37 -4.59
CA ALA C 52 -5.94 15.99 -4.51
C ALA C 52 -6.90 15.48 -5.58
N ASN C 53 -6.42 14.72 -6.57
CA ASN C 53 -7.27 14.27 -7.66
C ASN C 53 -7.86 12.87 -7.41
N THR C 54 -7.58 12.26 -6.26
CA THR C 54 -8.15 10.96 -5.91
C THR C 54 -8.87 11.10 -4.57
N PHE C 55 -9.92 10.29 -4.37
CA PHE C 55 -10.65 10.33 -3.10
C PHE C 55 -11.11 8.94 -2.68
N TRP C 56 -11.17 8.74 -1.37
CA TRP C 56 -12.01 7.68 -0.81
C TRP C 56 -13.47 8.09 -0.96
N HIS C 57 -14.33 7.11 -1.23
CA HIS C 57 -15.78 7.33 -1.24
C HIS C 57 -16.45 6.23 -0.43
N SER C 58 -17.41 6.63 0.41
CA SER C 58 -18.24 5.62 1.07
C SER C 58 -18.96 4.78 0.02
N LYS C 59 -19.29 3.54 0.39
CA LYS C 59 -19.92 2.63 -0.55
C LYS C 59 -21.35 3.10 -0.82
N TYR C 60 -21.60 3.53 -2.06
CA TYR C 60 -22.95 3.88 -2.47
C TYR C 60 -23.59 2.86 -3.40
N SER C 61 -22.81 1.93 -3.97
CA SER C 61 -23.43 0.91 -4.80
C SER C 61 -24.14 -0.11 -3.91
N ASN C 62 -25.08 -0.85 -4.50
CA ASN C 62 -25.97 -1.70 -3.72
C ASN C 62 -25.21 -2.88 -3.14
N PRO C 63 -25.41 -3.20 -1.85
CA PRO C 63 -26.23 -2.50 -0.86
C PRO C 63 -25.44 -1.35 -0.24
N SER C 64 -25.91 -0.11 -0.30
CA SER C 64 -25.06 0.99 0.09
C SER C 64 -24.97 1.13 1.61
N ALA C 65 -23.87 1.73 2.05
CA ALA C 65 -23.57 1.90 3.46
C ALA C 65 -24.29 3.13 4.01
N ASN C 66 -24.42 3.18 5.34
CA ASN C 66 -25.22 4.19 6.01
C ASN C 66 -24.35 5.11 6.87
N LEU C 67 -24.74 6.38 6.93
CA LEU C 67 -24.14 7.30 7.89
C LEU C 67 -24.33 6.77 9.30
N PRO C 68 -23.37 7.01 10.22
CA PRO C 68 -22.15 7.79 10.01
C PRO C 68 -21.12 7.04 9.17
N HIS C 69 -20.37 7.74 8.31
CA HIS C 69 -19.20 7.17 7.66
C HIS C 69 -17.95 7.68 8.37
N TRP C 70 -16.90 6.86 8.38
CA TRP C 70 -15.69 7.29 9.06
C TRP C 70 -14.44 6.76 8.35
N LEU C 71 -13.35 7.48 8.58
CA LEU C 71 -11.99 7.12 8.20
C LEU C 71 -11.16 7.04 9.49
N ALA C 72 -10.21 6.11 9.56
CA ALA C 72 -9.36 6.06 10.75
C ALA C 72 -7.93 5.67 10.35
N PHE C 73 -6.96 6.03 11.20
CA PHE C 73 -5.55 5.81 10.88
C PHE C 73 -4.70 6.03 12.12
N LYS C 74 -3.41 5.68 12.00
CA LYS C 74 -2.41 5.94 13.01
C LYS C 74 -1.58 7.16 12.61
N ALA C 75 -1.43 8.11 13.53
CA ALA C 75 -0.64 9.31 13.30
C ALA C 75 0.61 9.26 14.18
N SER C 76 1.79 9.41 13.57
CA SER C 76 3.07 9.20 14.22
C SER C 76 3.88 10.51 14.18
N PRO C 77 3.64 11.42 15.13
CA PRO C 77 4.33 12.72 15.10
C PRO C 77 5.75 12.66 15.61
N GLY C 78 6.13 11.56 16.26
CA GLY C 78 7.39 11.48 16.97
C GLY C 78 7.19 11.66 18.47
N GLU C 79 7.92 10.91 19.29
CA GLU C 79 7.80 11.02 20.74
C GLU C 79 8.12 12.43 21.20
N GLY C 80 7.30 12.96 22.10
CA GLY C 80 7.42 14.32 22.56
C GLY C 80 6.59 15.32 21.79
N ASN C 81 6.18 15.00 20.56
CA ASN C 81 5.28 15.85 19.80
C ASN C 81 3.86 15.30 19.90
N LYS C 82 2.88 16.20 19.76
CA LYS C 82 1.48 15.81 19.71
C LYS C 82 0.80 16.50 18.54
N ILE C 83 -0.13 15.80 17.90
CA ILE C 83 -0.78 16.35 16.72
C ILE C 83 -1.59 17.58 17.13
N ALA C 84 -1.65 18.55 16.23
CA ALA C 84 -2.26 19.84 16.52
C ALA C 84 -3.59 20.05 15.82
N ALA C 85 -3.79 19.43 14.66
CA ALA C 85 -5.02 19.63 13.91
C ALA C 85 -5.22 18.45 12.98
N ILE C 86 -6.46 18.34 12.50
CA ILE C 86 -6.82 17.40 11.44
C ILE C 86 -7.27 18.25 10.26
N THR C 87 -6.69 17.99 9.08
CA THR C 87 -7.11 18.71 7.88
C THR C 87 -7.92 17.78 6.99
N HIS C 88 -8.84 18.38 6.23
CA HIS C 88 -9.82 17.67 5.41
C HIS C 88 -9.95 18.38 4.08
N LEU C 89 -9.68 17.68 2.99
CA LEU C 89 -9.88 18.20 1.65
C LEU C 89 -10.94 17.37 0.95
N TYR C 90 -12.06 18.00 0.59
CA TYR C 90 -13.13 17.37 -0.17
C TYR C 90 -12.63 16.96 -1.57
N ARG C 91 -13.42 16.15 -2.28
CA ARG C 91 -13.14 15.90 -3.69
C ARG C 91 -13.12 17.24 -4.43
N GLN C 92 -12.31 17.34 -5.50
CA GLN C 92 -12.11 18.62 -6.17
C GLN C 92 -12.76 18.70 -7.53
N ASP C 93 -13.42 17.63 -7.99
CA ASP C 93 -14.03 17.70 -9.32
C ASP C 93 -15.41 18.33 -9.29
N LYS C 94 -16.20 18.13 -8.23
CA LYS C 94 -17.54 18.70 -8.22
C LYS C 94 -18.09 18.76 -6.79
N LEU C 95 -19.09 19.61 -6.59
CA LEU C 95 -19.84 19.62 -5.35
C LEU C 95 -20.95 18.58 -5.45
N ASN C 96 -20.93 17.59 -4.56
CA ASN C 96 -21.86 16.47 -4.60
C ASN C 96 -22.21 16.08 -3.16
N GLY C 97 -22.57 17.08 -2.35
CA GLY C 97 -22.98 16.86 -0.98
C GLY C 97 -21.85 16.69 0.02
N PRO C 98 -21.03 17.73 0.20
CA PRO C 98 -19.88 17.62 1.12
C PRO C 98 -20.29 17.39 2.56
N ALA C 99 -19.30 16.97 3.36
CA ALA C 99 -19.52 16.71 4.77
C ALA C 99 -20.00 17.98 5.48
N LYS C 100 -20.89 17.79 6.47
CA LYS C 100 -21.40 18.91 7.27
C LYS C 100 -20.93 18.78 8.71
N ASN C 101 -21.64 17.98 9.51
CA ASN C 101 -21.22 17.74 10.88
C ASN C 101 -20.23 16.59 10.95
N VAL C 102 -19.07 16.84 11.56
CA VAL C 102 -18.01 15.85 11.66
C VAL C 102 -17.51 15.81 13.11
N ALA C 103 -16.87 14.70 13.45
CA ALA C 103 -16.35 14.49 14.80
C ALA C 103 -14.99 13.81 14.72
N VAL C 104 -14.09 14.16 15.64
CA VAL C 104 -12.75 13.58 15.69
C VAL C 104 -12.57 12.86 17.03
N TYR C 105 -12.06 11.62 16.97
CA TYR C 105 -11.71 10.82 18.14
C TYR C 105 -10.21 10.50 18.10
N VAL C 106 -9.57 10.47 19.28
CA VAL C 106 -8.13 10.25 19.40
C VAL C 106 -7.86 9.36 20.61
N VAL C 107 -7.10 8.28 20.40
CA VAL C 107 -6.67 7.42 21.51
C VAL C 107 -5.17 7.18 21.41
N ALA C 108 -4.51 7.11 22.56
CA ALA C 108 -3.08 6.84 22.61
C ALA C 108 -2.77 5.52 21.91
N ALA C 109 -1.68 5.49 21.14
CA ALA C 109 -1.40 4.30 20.34
C ALA C 109 -1.09 3.09 21.23
N SER C 110 -0.65 3.31 22.46
CA SER C 110 -0.41 2.19 23.37
C SER C 110 -1.69 1.63 23.99
N ASP C 111 -2.86 2.12 23.57
CA ASP C 111 -4.13 1.59 24.05
C ASP C 111 -4.62 0.41 23.24
N ALA C 112 -4.05 0.17 22.06
CA ALA C 112 -4.45 -0.94 21.22
C ALA C 112 -3.30 -1.29 20.28
N ASN C 113 -3.36 -2.49 19.70
CA ASN C 113 -2.30 -2.98 18.83
C ASN C 113 -2.36 -2.42 17.41
N SER C 114 -3.48 -1.82 17.03
CA SER C 114 -3.70 -1.36 15.65
C SER C 114 -4.99 -0.58 15.66
N VAL C 115 -5.28 0.07 14.52
CA VAL C 115 -6.51 0.84 14.38
C VAL C 115 -7.72 -0.07 14.55
N ALA C 116 -7.73 -1.20 13.85
CA ALA C 116 -8.87 -2.10 13.97
C ALA C 116 -8.95 -2.78 15.33
N ASP C 117 -7.93 -2.61 16.18
CA ASP C 117 -7.95 -3.20 17.51
C ASP C 117 -8.55 -2.27 18.57
N VAL C 118 -8.82 -1.00 18.24
CA VAL C 118 -9.47 -0.09 19.18
C VAL C 118 -10.91 -0.50 19.40
N THR C 119 -11.32 -0.63 20.67
CA THR C 119 -12.69 -1.01 20.98
C THR C 119 -13.51 0.12 21.58
N ASN C 120 -12.88 1.24 21.92
CA ASN C 120 -13.57 2.33 22.59
C ASN C 120 -12.83 3.60 22.21
N TRP C 121 -13.43 4.40 21.32
CA TRP C 121 -12.82 5.63 20.83
C TRP C 121 -13.05 6.82 21.76
N GLY C 122 -13.76 6.63 22.87
CA GLY C 122 -14.05 7.72 23.78
C GLY C 122 -15.03 8.72 23.20
N GLU C 123 -15.17 9.85 23.89
CA GLU C 123 -15.91 10.98 23.38
C GLU C 123 -15.06 11.76 22.39
N PRO C 124 -15.68 12.48 21.45
CA PRO C 124 -14.89 13.30 20.52
C PRO C 124 -13.99 14.26 21.28
N VAL C 125 -12.77 14.43 20.78
CA VAL C 125 -11.91 15.50 21.28
C VAL C 125 -12.26 16.83 20.61
N ALA C 126 -12.93 16.76 19.46
CA ALA C 126 -13.32 17.96 18.73
C ALA C 126 -14.43 17.60 17.78
N THR C 127 -15.37 18.53 17.59
CA THR C 127 -16.41 18.43 16.57
C THR C 127 -16.36 19.70 15.74
N ALA C 128 -17.00 19.67 14.57
CA ALA C 128 -16.93 20.83 13.69
C ALA C 128 -18.07 20.75 12.69
N GLU C 129 -18.44 21.92 12.19
CA GLU C 129 -19.40 22.05 11.10
C GLU C 129 -18.66 22.58 9.89
N PHE C 130 -18.70 21.84 8.79
CA PHE C 130 -18.05 22.39 7.60
C PHE C 130 -19.02 23.24 6.80
N PRO C 131 -18.58 24.39 6.26
CA PRO C 131 -19.46 25.15 5.37
C PRO C 131 -19.60 24.45 4.03
N TYR C 132 -20.44 24.99 3.15
CA TYR C 132 -20.72 24.39 1.85
C TYR C 132 -19.61 24.78 0.88
N THR C 133 -18.63 23.90 0.69
CA THR C 133 -17.39 24.28 0.01
C THR C 133 -16.61 23.02 -0.34
N LYS C 134 -15.64 23.18 -1.25
CA LYS C 134 -14.64 22.14 -1.47
C LYS C 134 -13.28 22.47 -0.88
N GLU C 135 -13.10 23.67 -0.33
CA GLU C 135 -11.80 24.12 0.15
C GLU C 135 -11.36 23.37 1.41
N LEU C 136 -10.04 23.34 1.62
CA LEU C 136 -9.43 22.66 2.76
C LEU C 136 -9.98 23.15 4.09
N GLN C 137 -10.28 22.21 4.99
CA GLN C 137 -10.81 22.50 6.31
C GLN C 137 -9.81 22.06 7.38
N THR C 138 -9.71 22.82 8.46
CA THR C 138 -8.74 22.55 9.52
C THR C 138 -9.45 22.53 10.86
N ILE C 139 -9.36 21.39 11.55
CA ILE C 139 -10.00 21.22 12.85
C ILE C 139 -8.90 21.22 13.91
N ALA C 140 -8.93 22.24 14.78
CA ALA C 140 -7.97 22.32 15.86
C ALA C 140 -8.28 21.29 16.93
N LEU C 141 -7.22 20.68 17.46
CA LEU C 141 -7.38 19.68 18.49
C LEU C 141 -6.99 20.27 19.83
N PRO C 142 -7.55 19.76 20.93
CA PRO C 142 -7.22 20.30 22.24
C PRO C 142 -5.89 19.76 22.75
N ASN C 143 -5.25 20.56 23.59
CA ASN C 143 -3.96 20.19 24.16
C ASN C 143 -4.05 19.03 25.14
N THR C 144 -5.26 18.54 25.46
CA THR C 144 -5.46 17.44 26.39
C THR C 144 -5.37 16.07 25.74
N ILE C 145 -5.17 16.00 24.42
CA ILE C 145 -5.03 14.70 23.75
C ILE C 145 -3.67 14.11 24.15
N PRO C 146 -3.48 12.80 24.04
CA PRO C 146 -2.18 12.22 24.35
C PRO C 146 -1.10 12.77 23.42
N SER C 147 0.13 12.73 23.89
CA SER C 147 1.26 13.07 23.06
C SER C 147 1.80 11.81 22.37
N GLY C 148 2.65 12.02 21.36
CA GLY C 148 3.22 10.88 20.66
C GLY C 148 2.23 10.23 19.72
N ASP C 149 2.46 8.95 19.42
CA ASP C 149 1.67 8.24 18.42
C ASP C 149 0.23 8.05 18.91
N VAL C 150 -0.75 8.32 18.05
CA VAL C 150 -2.16 8.15 18.41
C VAL C 150 -2.91 7.48 17.26
N TYR C 151 -4.03 6.83 17.60
CA TYR C 151 -5.02 6.43 16.60
C TYR C 151 -6.08 7.52 16.48
N VAL C 152 -6.45 7.86 15.25
CA VAL C 152 -7.38 8.94 14.95
C VAL C 152 -8.57 8.38 14.16
N LYS C 153 -9.77 8.78 14.54
CA LYS C 153 -10.97 8.47 13.78
C LYS C 153 -11.70 9.75 13.39
N PHE C 154 -11.96 9.92 12.10
CA PHE C 154 -12.63 11.10 11.56
C PHE C 154 -14.00 10.65 11.06
N GLN C 155 -15.07 11.11 11.71
CA GLN C 155 -16.41 10.59 11.46
C GLN C 155 -17.29 11.67 10.84
N ILE C 156 -17.96 11.30 9.76
CA ILE C 156 -18.91 12.19 9.10
C ILE C 156 -20.32 11.79 9.52
N ASN C 157 -21.00 12.69 10.22
CA ASN C 157 -22.30 12.36 10.79
C ASN C 157 -23.47 12.70 9.89
N ASP C 158 -23.35 13.77 9.12
CA ASP C 158 -24.36 14.12 8.12
C ASP C 158 -23.73 15.04 7.09
N ALA C 159 -24.48 15.36 6.04
CA ALA C 159 -23.93 16.03 4.87
C ALA C 159 -24.79 17.22 4.45
N TRP C 160 -24.16 18.09 3.66
CA TRP C 160 -24.88 19.05 2.83
C TRP C 160 -25.68 18.31 1.76
N GLY C 161 -26.64 19.04 1.16
CA GLY C 161 -27.47 18.49 0.11
C GLY C 161 -26.84 18.66 -1.27
N LEU C 162 -27.57 18.18 -2.29
CA LEU C 162 -27.13 18.39 -3.67
C LEU C 162 -27.17 19.86 -4.06
N THR C 163 -27.88 20.68 -3.31
CA THR C 163 -27.69 22.12 -3.27
C THR C 163 -27.56 22.53 -1.82
N GLU C 164 -27.11 23.77 -1.59
CA GLU C 164 -26.82 24.23 -0.25
C GLU C 164 -28.05 24.25 0.67
N THR C 165 -29.28 24.24 0.14
CA THR C 165 -30.44 24.32 1.02
C THR C 165 -31.30 23.07 1.06
N SER C 166 -30.95 22.01 0.32
CA SER C 166 -31.76 20.80 0.28
C SER C 166 -31.26 19.74 1.27
N ALA C 167 -32.02 18.64 1.36
CA ALA C 167 -31.74 17.61 2.35
C ALA C 167 -30.37 17.01 2.13
N GLY C 168 -29.64 16.77 3.24
CA GLY C 168 -28.33 16.15 3.17
C GLY C 168 -28.32 14.85 2.41
N VAL C 169 -27.22 14.58 1.71
CA VAL C 169 -27.05 13.35 0.95
C VAL C 169 -26.67 12.23 1.92
N THR C 170 -26.66 10.99 1.44
CA THR C 170 -26.42 9.84 2.31
C THR C 170 -24.97 9.33 2.27
N TRP C 171 -24.14 9.84 1.37
CA TRP C 171 -22.79 9.32 1.17
C TRP C 171 -21.74 10.35 1.59
N ALA C 172 -20.47 10.00 1.38
CA ALA C 172 -19.37 10.89 1.75
C ALA C 172 -18.14 10.56 0.92
N ALA C 173 -17.31 11.60 0.71
CA ALA C 173 -16.08 11.50 -0.07
C ALA C 173 -15.00 12.40 0.53
N VAL C 174 -13.76 11.91 0.59
CA VAL C 174 -12.64 12.69 1.13
C VAL C 174 -11.43 12.51 0.23
N ALA C 175 -10.92 13.61 -0.34
CA ALA C 175 -9.74 13.53 -1.19
C ALA C 175 -8.47 13.43 -0.36
N GLU C 176 -8.35 14.21 0.72
CA GLU C 176 -7.17 14.14 1.59
C GLU C 176 -7.59 14.30 3.06
N LEU C 177 -7.12 13.36 3.89
CA LEU C 177 -7.24 13.41 5.35
C LEU C 177 -5.84 13.33 5.95
N ALA C 178 -5.51 14.27 6.82
CA ALA C 178 -4.17 14.27 7.40
C ALA C 178 -4.23 14.89 8.78
N ALA C 179 -3.12 14.73 9.50
CA ALA C 179 -2.93 15.33 10.81
C ALA C 179 -1.68 16.20 10.75
N THR C 180 -1.69 17.30 11.50
CA THR C 180 -0.52 18.16 11.57
C THR C 180 -0.05 18.27 13.01
N ALA C 181 1.20 18.67 13.18
CA ALA C 181 1.78 18.82 14.51
C ALA C 181 2.66 20.06 14.53
N LYS C 182 2.83 20.61 15.74
CA LYS C 182 3.47 21.91 15.92
C LYS C 182 4.92 21.90 15.45
N ALA C 183 5.17 22.48 14.26
CA ALA C 183 6.50 22.51 13.68
C ALA C 183 7.32 23.68 14.22
N THR D 22 9.69 -47.09 11.04
CA THR D 22 10.05 -45.71 10.75
C THR D 22 10.75 -45.04 11.93
N LYS D 23 11.93 -44.49 11.68
CA LYS D 23 12.72 -43.81 12.70
C LYS D 23 12.46 -42.31 12.65
N ASP D 24 12.16 -41.73 13.83
CA ASP D 24 12.01 -40.28 13.92
C ASP D 24 13.32 -39.59 13.55
N VAL D 25 13.20 -38.43 12.90
CA VAL D 25 14.32 -37.73 12.28
C VAL D 25 14.66 -36.49 13.11
N GLU D 26 15.95 -36.19 13.20
CA GLU D 26 16.41 -34.99 13.89
C GLU D 26 15.94 -33.73 13.15
N ALA D 27 15.27 -32.84 13.87
CA ALA D 27 14.77 -31.57 13.33
C ALA D 27 15.49 -30.40 13.96
N SER D 28 15.80 -29.37 13.16
CA SER D 28 16.49 -28.19 13.67
C SER D 28 16.13 -26.98 12.81
N ASP D 29 16.60 -25.80 13.24
CA ASP D 29 16.55 -24.57 12.45
C ASP D 29 15.12 -24.22 12.04
N TYR D 30 14.26 -24.10 13.05
CA TYR D 30 12.83 -23.91 12.84
C TYR D 30 12.54 -22.50 12.31
N ALA D 31 11.48 -22.39 11.51
CA ALA D 31 10.97 -21.09 11.10
C ALA D 31 9.48 -21.20 10.85
N ALA D 32 8.79 -20.07 10.96
CA ALA D 32 7.36 -20.01 10.67
C ALA D 32 7.00 -18.72 9.95
N SER D 33 5.92 -18.77 9.15
CA SER D 33 5.38 -17.57 8.54
C SER D 33 5.01 -16.52 9.58
N SER D 34 4.39 -16.93 10.70
CA SER D 34 4.06 -16.06 11.84
C SER D 34 3.93 -16.93 13.09
N GLN D 35 3.74 -16.29 14.25
CA GLN D 35 3.58 -17.00 15.51
C GLN D 35 2.96 -16.09 16.57
N GLU D 36 2.15 -16.68 17.45
CA GLU D 36 1.42 -15.93 18.47
C GLU D 36 2.21 -15.95 19.77
N THR D 37 2.56 -14.76 20.29
CA THR D 37 3.15 -14.64 21.61
C THR D 37 2.45 -13.61 22.47
N THR D 38 1.41 -12.95 21.96
CA THR D 38 0.70 -11.90 22.68
C THR D 38 -0.57 -12.43 23.35
N GLY D 39 -1.50 -13.00 22.56
CA GLY D 39 -2.70 -13.56 23.14
C GLY D 39 -2.46 -14.81 23.96
N GLU D 40 -1.37 -15.51 23.68
CA GLU D 40 -0.98 -16.71 24.40
C GLU D 40 0.43 -17.03 23.95
N HIS D 41 1.07 -17.93 24.69
CA HIS D 41 2.44 -18.37 24.39
C HIS D 41 2.38 -19.52 23.39
N ALA D 42 2.60 -19.22 22.10
CA ALA D 42 2.64 -20.33 21.16
C ALA D 42 3.69 -20.10 20.08
N PRO D 43 4.96 -20.03 20.45
CA PRO D 43 6.00 -19.77 19.44
C PRO D 43 6.32 -21.02 18.63
N VAL D 44 7.10 -20.82 17.55
CA VAL D 44 7.38 -21.89 16.59
C VAL D 44 8.01 -23.12 17.25
N GLY D 45 8.85 -22.91 18.27
CA GLY D 45 9.54 -24.03 18.89
C GLY D 45 8.59 -25.07 19.47
N ASN D 46 7.37 -24.68 19.83
CA ASN D 46 6.40 -25.62 20.39
C ASN D 46 5.90 -26.65 19.40
N ALA D 47 6.21 -26.51 18.10
CA ALA D 47 5.80 -27.55 17.17
C ALA D 47 6.82 -28.68 17.11
N PHE D 48 7.96 -28.57 17.81
CA PHE D 48 9.07 -29.50 17.67
C PHE D 48 9.61 -30.02 19.01
N ASP D 49 8.90 -29.80 20.11
CA ASP D 49 9.43 -30.11 21.43
C ASP D 49 9.03 -31.49 21.95
N LYS D 50 8.39 -32.33 21.13
CA LYS D 50 7.96 -33.68 21.54
C LYS D 50 7.06 -33.62 22.77
N ASN D 51 6.16 -32.64 22.79
CA ASN D 51 5.20 -32.43 23.85
C ASN D 51 3.85 -32.17 23.17
N ALA D 52 2.90 -33.10 23.29
CA ALA D 52 1.60 -32.92 22.66
C ALA D 52 0.73 -31.87 23.35
N ASN D 53 1.11 -31.41 24.54
CA ASN D 53 0.37 -30.38 25.26
C ASN D 53 0.84 -28.97 24.91
N THR D 54 1.77 -28.81 23.96
CA THR D 54 2.21 -27.49 23.51
C THR D 54 2.06 -27.41 22.01
N PHE D 55 1.72 -26.22 21.51
CA PHE D 55 1.58 -26.02 20.08
C PHE D 55 2.15 -24.66 19.67
N TRP D 56 2.59 -24.61 18.41
CA TRP D 56 2.74 -23.35 17.70
C TRP D 56 1.38 -22.88 17.22
N HIS D 57 1.20 -21.56 17.17
CA HIS D 57 -0.03 -20.98 16.64
C HIS D 57 0.34 -19.83 15.71
N SER D 58 -0.32 -19.74 14.56
CA SER D 58 -0.16 -18.56 13.72
C SER D 58 -0.61 -17.32 14.49
N LYS D 59 -0.08 -16.16 14.09
CA LYS D 59 -0.42 -14.93 14.79
C LYS D 59 -1.87 -14.56 14.52
N TYR D 60 -2.70 -14.58 15.57
CA TYR D 60 -4.08 -14.13 15.43
C TYR D 60 -4.35 -12.82 16.14
N SER D 61 -3.50 -12.40 17.08
CA SER D 61 -3.63 -11.07 17.66
C SER D 61 -3.39 -10.03 16.59
N ASN D 62 -4.13 -8.92 16.66
CA ASN D 62 -3.94 -7.88 15.67
C ASN D 62 -2.53 -7.31 15.78
N PRO D 63 -1.86 -7.02 14.66
CA PRO D 63 -2.27 -7.29 13.28
C PRO D 63 -2.07 -8.77 12.94
N SER D 64 -3.15 -9.45 12.58
CA SER D 64 -3.15 -10.89 12.41
C SER D 64 -2.55 -11.29 11.07
N ALA D 65 -2.16 -12.56 10.97
CA ALA D 65 -1.68 -13.16 9.73
C ALA D 65 -2.80 -13.97 9.09
N ASN D 66 -2.87 -13.92 7.76
CA ASN D 66 -3.87 -14.66 6.98
C ASN D 66 -3.24 -15.91 6.38
N LEU D 67 -4.12 -16.79 5.90
CA LEU D 67 -3.70 -17.95 5.13
C LEU D 67 -2.91 -17.53 3.89
N PRO D 68 -2.01 -18.39 3.40
CA PRO D 68 -1.62 -19.71 3.94
C PRO D 68 -0.62 -19.55 5.07
N HIS D 69 -0.55 -20.49 6.02
CA HIS D 69 0.45 -20.47 7.08
C HIS D 69 1.43 -21.63 6.87
N TRP D 70 2.64 -21.47 7.37
CA TRP D 70 3.61 -22.53 7.17
C TRP D 70 4.61 -22.61 8.30
N LEU D 71 5.13 -23.83 8.50
CA LEU D 71 6.25 -24.12 9.35
C LEU D 71 7.36 -24.68 8.47
N ALA D 72 8.61 -24.47 8.87
CA ALA D 72 9.71 -25.01 8.08
C ALA D 72 10.83 -25.40 9.04
N PHE D 73 11.68 -26.35 8.60
CA PHE D 73 12.75 -26.85 9.46
C PHE D 73 13.70 -27.69 8.62
N LYS D 74 14.90 -27.93 9.17
CA LYS D 74 15.86 -28.85 8.57
C LYS D 74 15.70 -30.25 9.16
N ALA D 75 15.52 -31.25 8.30
CA ALA D 75 15.40 -32.65 8.71
C ALA D 75 16.69 -33.38 8.35
N SER D 76 17.34 -33.97 9.36
CA SER D 76 18.66 -34.58 9.20
C SER D 76 18.58 -36.07 9.49
N PRO D 77 18.36 -36.90 8.47
CA PRO D 77 18.19 -38.34 8.72
C PRO D 77 19.51 -39.10 8.79
N GLY D 78 20.63 -38.46 8.49
CA GLY D 78 21.88 -39.19 8.42
C GLY D 78 22.13 -39.74 7.03
N GLU D 79 23.39 -39.67 6.58
CA GLU D 79 23.73 -40.00 5.20
C GLU D 79 23.25 -41.40 4.83
N GLY D 80 22.86 -41.56 3.57
CA GLY D 80 22.30 -42.79 3.08
C GLY D 80 20.81 -42.93 3.25
N ASN D 81 20.21 -42.17 4.16
CA ASN D 81 18.77 -42.23 4.40
C ASN D 81 18.05 -41.09 3.71
N LYS D 82 16.75 -41.27 3.51
CA LYS D 82 15.91 -40.18 3.04
C LYS D 82 14.58 -40.25 3.77
N ILE D 83 14.00 -39.07 4.01
CA ILE D 83 12.80 -39.02 4.82
C ILE D 83 11.65 -39.65 4.04
N ALA D 84 10.75 -40.30 4.77
CA ALA D 84 9.68 -41.09 4.16
C ALA D 84 8.30 -40.49 4.37
N ALA D 85 8.10 -39.68 5.39
CA ALA D 85 6.80 -39.14 5.67
C ALA D 85 6.95 -37.93 6.60
N ILE D 86 5.89 -37.13 6.63
CA ILE D 86 5.76 -36.01 7.55
C ILE D 86 4.53 -36.28 8.41
N THR D 87 4.69 -36.16 9.73
CA THR D 87 3.57 -36.35 10.65
C THR D 87 3.13 -35.01 11.22
N HIS D 88 1.83 -34.90 11.46
CA HIS D 88 1.20 -33.69 11.94
C HIS D 88 0.26 -34.05 13.07
N LEU D 89 0.45 -33.44 14.25
CA LEU D 89 -0.48 -33.59 15.36
C LEU D 89 -1.06 -32.22 15.72
N TYR D 90 -2.38 -32.10 15.61
CA TYR D 90 -3.10 -30.89 15.98
C TYR D 90 -3.01 -30.63 17.49
N ARG D 91 -3.37 -29.42 17.90
CA ARG D 91 -3.57 -29.16 19.32
C ARG D 91 -4.58 -30.16 19.88
N GLN D 92 -4.39 -30.53 21.15
CA GLN D 92 -5.15 -31.62 21.74
C GLN D 92 -6.19 -31.14 22.75
N ASP D 93 -6.24 -29.83 23.04
CA ASP D 93 -7.14 -29.34 24.07
C ASP D 93 -8.56 -29.10 23.54
N LYS D 94 -8.73 -28.80 22.26
CA LYS D 94 -10.04 -28.54 21.68
C LYS D 94 -9.93 -28.44 20.17
N LEU D 95 -11.04 -28.72 19.49
CA LEU D 95 -11.12 -28.51 18.06
C LEU D 95 -11.41 -27.04 17.81
N ASN D 96 -10.59 -26.39 17.00
CA ASN D 96 -10.68 -24.95 16.77
C ASN D 96 -10.31 -24.67 15.30
N GLY D 97 -10.94 -25.40 14.39
CA GLY D 97 -10.65 -25.26 12.97
C GLY D 97 -9.30 -25.81 12.57
N PRO D 98 -9.16 -27.13 12.63
CA PRO D 98 -7.88 -27.76 12.28
C PRO D 98 -7.61 -27.69 10.78
N ALA D 99 -6.34 -27.90 10.44
CA ALA D 99 -5.88 -27.79 9.06
C ALA D 99 -6.67 -28.72 8.14
N LYS D 100 -6.93 -28.24 6.92
CA LYS D 100 -7.68 -29.05 5.97
C LYS D 100 -6.78 -29.41 4.80
N ASN D 101 -6.64 -28.52 3.82
CA ASN D 101 -5.76 -28.73 2.68
C ASN D 101 -4.37 -28.24 3.03
N VAL D 102 -3.39 -29.14 2.90
CA VAL D 102 -2.00 -28.88 3.29
C VAL D 102 -1.11 -29.33 2.14
N ALA D 103 0.15 -28.92 2.21
CA ALA D 103 1.12 -29.23 1.19
C ALA D 103 2.48 -29.35 1.85
N VAL D 104 3.36 -30.16 1.25
CA VAL D 104 4.71 -30.38 1.77
C VAL D 104 5.71 -30.06 0.68
N TYR D 105 6.76 -29.33 1.03
CA TYR D 105 7.86 -29.02 0.12
C TYR D 105 9.14 -29.56 0.72
N VAL D 106 10.05 -30.01 -0.14
CA VAL D 106 11.32 -30.59 0.27
C VAL D 106 12.40 -30.13 -0.71
N VAL D 107 13.52 -29.61 -0.19
CA VAL D 107 14.65 -29.22 -1.01
C VAL D 107 15.94 -29.66 -0.34
N ALA D 108 16.98 -29.90 -1.14
CA ALA D 108 18.25 -30.38 -0.62
C ALA D 108 18.89 -29.34 0.29
N ALA D 109 19.46 -29.81 1.40
CA ALA D 109 20.07 -28.88 2.36
C ALA D 109 21.22 -28.10 1.72
N SER D 110 21.87 -28.68 0.71
CA SER D 110 22.97 -27.98 0.04
C SER D 110 22.48 -26.83 -0.82
N ASP D 111 21.17 -26.66 -0.98
CA ASP D 111 20.63 -25.56 -1.77
C ASP D 111 20.74 -24.22 -1.05
N ALA D 112 20.85 -24.20 0.28
CA ALA D 112 20.93 -22.95 1.02
C ALA D 112 21.69 -23.15 2.32
N ASN D 113 22.16 -22.03 2.91
CA ASN D 113 22.94 -22.08 4.14
C ASN D 113 22.07 -22.37 5.36
N SER D 114 20.80 -22.02 5.31
CA SER D 114 19.90 -22.28 6.44
C SER D 114 18.47 -22.22 5.92
N VAL D 115 17.53 -22.58 6.80
CA VAL D 115 16.12 -22.59 6.39
C VAL D 115 15.70 -21.20 5.94
N ALA D 116 16.05 -20.17 6.72
CA ALA D 116 15.64 -18.81 6.40
C ALA D 116 16.16 -18.34 5.05
N ASP D 117 17.21 -18.98 4.52
CA ASP D 117 17.77 -18.63 3.23
C ASP D 117 17.12 -19.37 2.07
N VAL D 118 16.24 -20.32 2.33
CA VAL D 118 15.54 -20.99 1.24
C VAL D 118 14.54 -19.99 0.66
N THR D 119 14.79 -19.59 -0.57
CA THR D 119 13.89 -18.72 -1.32
C THR D 119 12.87 -19.52 -2.13
N ASN D 120 13.33 -20.55 -2.84
CA ASN D 120 12.53 -21.26 -3.84
C ASN D 120 12.25 -22.69 -3.37
N TRP D 121 11.03 -22.93 -2.90
CA TRP D 121 10.65 -24.24 -2.39
C TRP D 121 10.17 -25.20 -3.48
N GLY D 122 10.19 -24.79 -4.74
CA GLY D 122 9.76 -25.67 -5.82
C GLY D 122 8.30 -26.04 -5.69
N GLU D 123 7.92 -27.07 -6.46
CA GLU D 123 6.56 -27.59 -6.43
C GLU D 123 6.34 -28.43 -5.16
N PRO D 124 5.10 -28.47 -4.66
CA PRO D 124 4.82 -29.39 -3.55
C PRO D 124 5.15 -30.82 -3.95
N VAL D 125 5.81 -31.55 -3.06
CA VAL D 125 6.08 -32.96 -3.32
C VAL D 125 4.94 -33.84 -2.85
N ALA D 126 4.09 -33.34 -1.96
CA ALA D 126 2.95 -34.09 -1.46
C ALA D 126 1.90 -33.09 -0.99
N THR D 127 0.63 -33.44 -1.20
CA THR D 127 -0.49 -32.70 -0.67
C THR D 127 -1.43 -33.67 0.05
N ALA D 128 -2.25 -33.11 0.94
CA ALA D 128 -3.22 -33.91 1.67
C ALA D 128 -4.43 -33.06 2.02
N GLU D 129 -5.56 -33.73 2.29
CA GLU D 129 -6.75 -33.09 2.81
C GLU D 129 -7.11 -33.79 4.11
N PHE D 130 -6.85 -33.13 5.23
CA PHE D 130 -7.03 -33.65 6.58
C PHE D 130 -8.52 -33.72 6.93
N PRO D 131 -8.96 -34.81 7.55
CA PRO D 131 -10.32 -34.87 8.09
C PRO D 131 -10.47 -34.02 9.35
N TYR D 132 -11.72 -33.87 9.78
CA TYR D 132 -12.08 -33.08 10.97
C TYR D 132 -11.76 -33.90 12.21
N THR D 133 -10.58 -33.66 12.80
CA THR D 133 -10.06 -34.53 13.85
C THR D 133 -8.91 -33.81 14.55
N LYS D 134 -8.49 -34.36 15.67
CA LYS D 134 -7.27 -33.93 16.32
C LYS D 134 -6.23 -35.04 16.30
N GLU D 135 -6.52 -36.16 15.66
CA GLU D 135 -5.64 -37.33 15.68
C GLU D 135 -4.48 -37.17 14.70
N LEU D 136 -3.42 -37.91 15.00
CA LEU D 136 -2.18 -37.78 14.22
C LEU D 136 -2.42 -38.10 12.75
N GLN D 137 -1.97 -37.20 11.89
CA GLN D 137 -2.02 -37.41 10.45
C GLN D 137 -0.62 -37.74 9.97
N THR D 138 -0.52 -38.66 9.01
CA THR D 138 0.74 -39.01 8.38
C THR D 138 0.63 -38.75 6.88
N ILE D 139 1.66 -38.12 6.31
CA ILE D 139 1.70 -37.81 4.88
C ILE D 139 2.92 -38.52 4.29
N ALA D 140 2.68 -39.55 3.47
CA ALA D 140 3.78 -40.26 2.84
C ALA D 140 4.41 -39.41 1.74
N LEU D 141 5.76 -39.53 1.59
CA LEU D 141 6.50 -38.73 0.62
C LEU D 141 7.01 -39.60 -0.53
N PRO D 142 7.03 -39.08 -1.77
CA PRO D 142 7.54 -39.88 -2.89
C PRO D 142 9.02 -40.15 -2.75
N ASN D 143 9.48 -41.18 -3.47
CA ASN D 143 10.87 -41.59 -3.39
C ASN D 143 11.79 -40.70 -4.22
N THR D 144 11.25 -39.84 -5.06
CA THR D 144 12.03 -38.95 -5.90
C THR D 144 12.60 -37.77 -5.11
N ILE D 145 12.33 -37.70 -3.81
CA ILE D 145 12.84 -36.66 -2.92
C ILE D 145 14.35 -36.80 -2.77
N PRO D 146 15.10 -35.72 -2.55
CA PRO D 146 16.54 -35.86 -2.30
C PRO D 146 16.81 -36.69 -1.05
N SER D 147 17.93 -37.41 -1.10
CA SER D 147 18.35 -38.18 0.06
C SER D 147 19.21 -37.32 0.98
N GLY D 148 19.42 -37.80 2.19
CA GLY D 148 20.22 -37.02 3.13
C GLY D 148 19.45 -35.82 3.69
N ASP D 149 20.22 -34.85 4.17
CA ASP D 149 19.67 -33.67 4.85
C ASP D 149 18.86 -32.82 3.88
N VAL D 150 17.63 -32.46 4.28
CA VAL D 150 16.75 -31.64 3.47
C VAL D 150 16.11 -30.57 4.34
N TYR D 151 15.73 -29.46 3.71
CA TYR D 151 14.83 -28.50 4.35
C TYR D 151 13.39 -28.86 3.96
N VAL D 152 12.49 -28.82 4.94
CA VAL D 152 11.08 -29.15 4.78
C VAL D 152 10.23 -27.92 5.10
N LYS D 153 9.22 -27.66 4.27
CA LYS D 153 8.17 -26.69 4.58
C LYS D 153 6.82 -27.40 4.60
N PHE D 154 6.05 -27.19 5.68
CA PHE D 154 4.69 -27.69 5.81
C PHE D 154 3.73 -26.49 5.78
N GLN D 155 2.81 -26.48 4.82
CA GLN D 155 2.01 -25.30 4.56
C GLN D 155 0.53 -25.63 4.68
N ILE D 156 -0.20 -24.79 5.42
CA ILE D 156 -1.64 -24.95 5.59
C ILE D 156 -2.32 -23.93 4.69
N ASN D 157 -3.04 -24.42 3.67
CA ASN D 157 -3.65 -23.52 2.69
C ASN D 157 -5.09 -23.17 3.05
N ASP D 158 -5.80 -24.02 3.78
CA ASP D 158 -7.11 -23.68 4.29
C ASP D 158 -7.46 -24.66 5.39
N ALA D 159 -8.54 -24.37 6.12
CA ALA D 159 -8.85 -25.05 7.36
C ALA D 159 -10.33 -25.46 7.42
N TRP D 160 -10.62 -26.30 8.41
CA TRP D 160 -11.99 -26.57 8.81
C TRP D 160 -12.54 -25.37 9.56
N GLY D 161 -13.87 -25.36 9.73
CA GLY D 161 -14.55 -24.35 10.51
C GLY D 161 -14.56 -24.69 11.99
N LEU D 162 -15.29 -23.85 12.75
CA LEU D 162 -15.47 -24.09 14.18
C LEU D 162 -16.34 -25.32 14.44
N THR D 163 -17.21 -25.66 13.48
CA THR D 163 -17.84 -26.97 13.41
C THR D 163 -17.41 -27.61 12.09
N GLU D 164 -17.74 -28.89 11.94
CA GLU D 164 -17.36 -29.62 10.73
C GLU D 164 -18.03 -29.05 9.49
N THR D 165 -19.13 -28.34 9.64
CA THR D 165 -19.85 -27.80 8.50
C THR D 165 -19.73 -26.28 8.36
N SER D 166 -19.22 -25.59 9.38
CA SER D 166 -19.14 -24.14 9.27
C SER D 166 -17.98 -23.71 8.38
N ALA D 167 -17.92 -22.41 8.10
CA ALA D 167 -16.91 -21.88 7.19
C ALA D 167 -15.52 -21.97 7.80
N GLY D 168 -14.52 -22.27 6.97
CA GLY D 168 -13.19 -22.53 7.47
C GLY D 168 -12.56 -21.31 8.13
N VAL D 169 -11.75 -21.56 9.15
CA VAL D 169 -11.11 -20.47 9.89
C VAL D 169 -9.89 -19.95 9.13
N THR D 170 -9.30 -18.84 9.59
CA THR D 170 -8.17 -18.23 8.90
C THR D 170 -6.84 -18.40 9.62
N TRP D 171 -6.80 -19.05 10.78
CA TRP D 171 -5.58 -19.27 11.56
C TRP D 171 -5.15 -20.74 11.47
N ALA D 172 -4.10 -21.10 12.22
CA ALA D 172 -3.57 -22.45 12.23
C ALA D 172 -2.86 -22.73 13.55
N ALA D 173 -2.88 -24.00 13.97
CA ALA D 173 -2.16 -24.45 15.16
C ALA D 173 -1.63 -25.87 14.95
N VAL D 174 -0.40 -26.13 15.38
CA VAL D 174 0.20 -27.46 15.26
C VAL D 174 0.92 -27.79 16.57
N ALA D 175 0.53 -28.89 17.21
CA ALA D 175 1.22 -29.31 18.43
C ALA D 175 2.56 -30.01 18.12
N GLU D 176 2.61 -30.89 17.14
CA GLU D 176 3.86 -31.55 16.81
C GLU D 176 3.98 -31.70 15.31
N LEU D 177 5.13 -31.30 14.75
CA LEU D 177 5.47 -31.55 13.36
C LEU D 177 6.76 -32.36 13.33
N ALA D 178 6.77 -33.45 12.56
CA ALA D 178 7.96 -34.30 12.54
C ALA D 178 8.12 -34.97 11.17
N ALA D 179 9.34 -35.41 10.91
CA ALA D 179 9.67 -36.24 9.76
C ALA D 179 10.13 -37.62 10.24
N THR D 180 9.78 -38.66 9.49
CA THR D 180 10.29 -40.00 9.75
C THR D 180 11.08 -40.48 8.55
N ALA D 181 11.87 -41.53 8.77
CA ALA D 181 12.71 -42.11 7.73
C ALA D 181 12.68 -43.62 7.87
N LYS D 182 13.14 -44.32 6.82
CA LYS D 182 13.11 -45.78 6.80
C LYS D 182 14.27 -46.33 7.63
N ALA D 183 13.95 -46.87 8.81
CA ALA D 183 14.96 -47.48 9.67
C ALA D 183 14.32 -48.46 10.66
C1 NAG E . 17.80 0.74 -0.19
C2 NAG E . 16.48 0.93 -0.95
C3 NAG E . 15.80 -0.42 -1.07
C4 NAG E . 16.75 -1.41 -1.76
C5 NAG E . 18.12 -1.45 -1.05
C6 NAG E . 19.13 -2.29 -1.79
C7 NAG E . 15.28 3.06 -0.86
C8 NAG E . 14.39 3.93 -0.01
N2 NAG E . 15.65 1.90 -0.29
O1 NAG E . 18.37 1.99 -0.12
O3 NAG E . 14.62 -0.23 -1.79
O4 NAG E . 16.17 -2.70 -1.73
O5 NAG E . 18.65 -0.14 -0.90
O6 NAG E . 19.38 -1.67 -3.03
O7 NAG E . 15.64 3.40 -1.98
C1 GAL E . 13.44 -0.34 -0.96
C2 GAL E . 12.25 0.14 -1.82
C3 GAL E . 10.95 -0.06 -1.06
C4 GAL E . 10.83 -1.47 -0.45
C5 GAL E . 12.08 -1.80 0.33
C6 GAL E . 12.03 -3.25 0.81
O2 GAL E . 12.46 1.49 -2.16
O3 GAL E . 9.91 0.28 -1.96
O4 GAL E . 10.71 -2.40 -1.50
O5 GAL E . 13.21 -1.66 -0.51
O6 GAL E . 13.13 -3.52 1.62
C1 NAG F . 20.21 5.36 -9.85
C2 NAG F . 19.08 6.35 -10.13
C3 NAG F . 19.59 7.78 -10.07
C4 NAG F . 20.39 8.00 -8.77
C5 NAG F . 21.45 6.91 -8.55
C6 NAG F . 22.12 7.03 -7.20
C7 NAG F . 17.26 5.62 -11.62
C8 NAG F . 16.87 5.42 -13.06
N2 NAG F . 18.51 6.09 -11.42
O1 NAG F . 19.64 4.11 -9.74
O3 NAG F . 18.46 8.61 -10.06
O4 NAG F . 20.98 9.27 -8.82
O5 NAG F . 20.84 5.63 -8.62
O6 NAG F . 21.13 7.00 -6.19
O7 NAG F . 16.51 5.37 -10.70
C1 GAL F . 18.17 9.28 -11.30
C2 GAL F . 16.77 9.90 -11.15
C3 GAL F . 16.42 10.63 -12.44
C4 GAL F . 17.50 11.65 -12.81
C5 GAL F . 18.86 10.93 -12.84
C6 GAL F . 20.01 11.89 -13.12
O2 GAL F . 15.84 8.89 -10.88
O3 GAL F . 15.13 11.19 -12.26
O4 GAL F . 17.48 12.70 -11.88
O5 GAL F . 19.10 10.31 -11.58
O6 GAL F . 21.16 11.14 -13.44
C1 NAG G . -25.89 11.96 -11.13
C2 NAG G . -24.41 11.90 -10.73
C3 NAG G . -24.29 11.91 -9.20
C4 NAG G . -25.10 13.08 -8.63
C5 NAG G . -26.53 13.11 -9.21
C6 NAG G . -27.36 14.31 -8.80
C7 NAG G . -22.70 10.99 -12.18
C8 NAG G . -22.06 9.74 -12.76
N2 NAG G . -23.72 10.80 -11.34
O1 NAG G . -25.95 12.04 -12.49
O3 NAG G . -22.91 12.03 -8.90
O4 NAG G . -25.11 12.94 -7.23
O5 NAG G . -26.45 13.14 -10.62
O6 NAG G . -26.63 15.49 -9.06
O7 NAG G . -22.28 12.12 -12.47
C1 GAL G . -22.39 10.79 -8.37
C2 GAL G . -20.86 10.93 -8.27
C3 GAL G . -20.25 9.67 -7.65
C4 GAL G . -20.98 9.29 -6.35
C5 GAL G . -22.48 9.22 -6.62
C6 GAL G . -23.28 8.82 -5.40
O2 GAL G . -20.36 11.17 -9.56
O3 GAL G . -18.90 9.96 -7.40
O4 GAL G . -20.70 10.31 -5.45
O5 GAL G . -22.93 10.49 -7.09
O6 GAL G . -24.65 8.74 -5.74
C1 NAG H . -13.64 -18.16 22.04
C2 NAG H . -12.34 -18.94 22.13
C3 NAG H . -11.77 -19.14 20.73
C4 NAG H . -12.83 -19.79 19.85
C5 NAG H . -14.10 -18.95 19.91
C6 NAG H . -15.23 -19.48 19.04
C7 NAG H . -11.01 -18.96 24.16
C8 NAG H . -10.00 -18.21 25.01
N2 NAG H . -11.40 -18.34 23.03
O1 NAG H . -14.17 -18.04 23.31
O3 NAG H . -10.65 -19.96 20.84
O4 NAG H . -12.31 -19.87 18.55
O5 NAG H . -14.53 -18.90 21.25
O6 NAG H . -15.69 -20.70 19.56
O7 NAG H . -11.44 -20.04 24.49
C1 GAL H . -9.43 -19.23 20.60
C2 GAL H . -8.29 -20.20 20.98
C3 GAL H . -6.93 -19.60 20.62
C4 GAL H . -6.91 -19.12 19.17
C5 GAL H . -8.12 -18.19 18.91
C6 GAL H . -8.23 -17.74 17.47
O2 GAL H . -8.41 -20.48 22.35
O3 GAL H . -5.96 -20.60 20.87
O4 GAL H . -6.95 -20.26 18.36
O5 GAL H . -9.34 -18.82 19.27
O6 GAL H . -9.17 -16.69 17.42
CA CA I . -1.28 1.44 -9.78
CA CA J . 3.10 16.87 -8.89
CA CA K . -6.22 11.67 -2.57
CA CA L . 4.45 -29.46 21.09
#